data_6G40
#
_entry.id   6G40
#
_cell.length_a   80.860
_cell.length_b   81.335
_cell.length_c   168.593
_cell.angle_alpha   90.00
_cell.angle_beta   90.00
_cell.angle_gamma   90.00
#
_symmetry.space_group_name_H-M   'P 21 21 21'
#
loop_
_entity.id
_entity.type
_entity.pdbx_description
1 polymer 'N-glycosylase/DNA lyase'
2 non-polymer ~{N}-(3-methoxy-4-methyl-phenyl)-4-(4-methoxy-2-oxidanylidene-3~{H}-benzimidazol-1-yl)piperidine-1-carboxamide
3 non-polymer DI(HYDROXYETHYL)ETHER
4 non-polymer 'NICKEL (II) ION'
5 non-polymer 'ACETATE ION'
6 water water
#
_entity_poly.entity_id   1
_entity_poly.type   'polypeptide(L)'
_entity_poly.pdbx_seq_one_letter_code
;GSHMRHRTLSSSPALWASIPCPRSELRLDLVLASGQSFRWKEQSPAHWSGVLADQVWTLTQTEDQLYCTVYRGDDSQVSR
PTLEELETLHKYFQLDVSLAQLYSHWASVDSHFQRVAQKFQGVRLLRQDPTECLFSFICSSNNNIARITGMVERLCQAFG
PRLIQLDDVTYHGFPNLHALAGPEAETHLRKLGLGYRARYVRASAKAILEEQGGPAWLQQLRVAPYEEAHKALCTLPGVG
AKVADCICLMALDKPQAVPVDVHVWQIAHRDYGWHPKTSQAKGPSPLANKELGNFFRNLWGPYAGWAQAVLFSADLRQ
;
_entity_poly.pdbx_strand_id   A,B,C
#
# COMPACT_ATOMS: atom_id res chain seq x y z
N HIS A 3 45.40 10.46 4.12
CA HIS A 3 46.61 9.66 3.77
C HIS A 3 46.23 8.34 3.10
N MET A 4 45.60 7.42 3.86
CA MET A 4 45.15 6.13 3.36
C MET A 4 43.72 6.24 2.85
N ARG A 5 43.35 5.36 1.91
CA ARG A 5 42.08 5.50 1.17
C ARG A 5 41.20 4.25 1.24
N HIS A 6 39.88 4.47 1.16
CA HIS A 6 38.89 3.39 1.04
C HIS A 6 39.15 2.51 -0.18
N ARG A 7 39.13 1.20 0.04
CA ARG A 7 39.44 0.23 -1.02
C ARG A 7 38.20 -0.12 -1.84
N THR A 8 38.44 -0.43 -3.11
CA THR A 8 37.49 -1.14 -3.96
C THR A 8 38.15 -2.43 -4.42
N LEU A 9 37.38 -3.31 -5.05
CA LEU A 9 37.88 -4.59 -5.52
C LEU A 9 38.74 -4.45 -6.78
N SER A 10 38.59 -3.31 -7.50
CA SER A 10 39.43 -2.94 -8.64
C SER A 10 40.73 -2.23 -8.24
N SER A 11 40.65 -1.32 -7.27
CA SER A 11 41.82 -0.54 -6.82
C SER A 11 42.96 -1.39 -6.28
N SER A 12 42.61 -2.36 -5.44
CA SER A 12 43.57 -3.10 -4.65
C SER A 12 43.15 -4.57 -4.49
N PRO A 13 43.03 -5.31 -5.61
CA PRO A 13 42.46 -6.68 -5.63
C PRO A 13 43.27 -7.72 -4.84
N ALA A 14 44.55 -7.44 -4.61
CA ALA A 14 45.41 -8.27 -3.77
C ALA A 14 44.94 -8.34 -2.31
N LEU A 15 44.47 -7.21 -1.77
CA LEU A 15 44.15 -7.09 -0.34
C LEU A 15 42.84 -7.75 0.13
N TRP A 16 42.02 -8.25 -0.80
CA TRP A 16 40.73 -8.88 -0.45
C TRP A 16 40.83 -10.38 -0.29
N ALA A 17 39.93 -10.94 0.53
CA ALA A 17 39.67 -12.39 0.59
C ALA A 17 38.17 -12.60 0.41
N SER A 18 37.77 -13.87 0.21
CA SER A 18 36.37 -14.20 -0.12
C SER A 18 35.80 -15.33 0.74
N ILE A 19 34.49 -15.30 0.94
CA ILE A 19 33.75 -16.36 1.65
C ILE A 19 32.65 -16.85 0.71
N PRO A 20 32.54 -18.18 0.50
CA PRO A 20 31.50 -18.67 -0.40
C PRO A 20 30.11 -18.43 0.20
N CYS A 21 29.33 -17.60 -0.48
CA CYS A 21 28.07 -17.10 0.05
C CYS A 21 27.18 -16.60 -1.07
N PRO A 22 26.08 -17.32 -1.39
CA PRO A 22 25.19 -16.85 -2.45
C PRO A 22 24.43 -15.58 -2.08
N ARG A 23 23.92 -14.89 -3.09
CA ARG A 23 23.13 -13.68 -2.92
C ARG A 23 21.79 -13.96 -2.24
N SER A 24 21.26 -15.16 -2.46
CA SER A 24 20.04 -15.63 -1.79
C SER A 24 20.18 -15.76 -0.26
N GLU A 25 21.41 -15.99 0.21
CA GLU A 25 21.69 -16.07 1.65
C GLU A 25 22.09 -14.73 2.30
N LEU A 26 22.58 -13.77 1.51
CA LEU A 26 23.01 -12.47 2.05
C LEU A 26 23.07 -11.38 0.97
N ARG A 27 22.24 -10.36 1.13
CA ARG A 27 22.32 -9.12 0.35
C ARG A 27 22.72 -7.97 1.26
N LEU A 28 24.02 -7.67 1.28
CA LEU A 28 24.61 -6.53 2.02
C LEU A 28 23.73 -5.27 2.02
N ASP A 29 23.35 -4.80 0.84
CA ASP A 29 22.58 -3.55 0.70
C ASP A 29 21.23 -3.56 1.44
N LEU A 30 20.59 -4.72 1.53
CA LEU A 30 19.39 -4.88 2.36
C LEU A 30 19.74 -4.98 3.85
N VAL A 31 20.78 -5.75 4.19
CA VAL A 31 21.12 -6.02 5.59
C VAL A 31 21.72 -4.82 6.33
N LEU A 32 22.74 -4.19 5.76
CA LEU A 32 23.52 -3.16 6.47
C LEU A 32 22.88 -1.77 6.54
N ALA A 33 21.72 -1.59 5.91
CA ALA A 33 20.95 -0.35 6.00
C ALA A 33 19.49 -0.58 6.39
N SER A 34 19.19 -1.69 7.10
CA SER A 34 17.83 -1.99 7.54
C SER A 34 17.56 -1.60 9.01
N GLY A 35 18.45 -0.79 9.59
CA GLY A 35 18.31 -0.38 10.97
C GLY A 35 18.61 -1.47 11.98
N GLN A 36 19.55 -2.35 11.65
CA GLN A 36 20.08 -3.32 12.62
C GLN A 36 21.34 -2.71 13.23
N SER A 37 22.30 -2.39 12.36
CA SER A 37 23.51 -1.68 12.72
C SER A 37 23.44 -0.30 12.09
N PHE A 38 24.04 0.68 12.76
CA PHE A 38 24.09 2.06 12.27
C PHE A 38 25.52 2.52 11.97
N ARG A 39 26.43 1.58 11.80
CA ARG A 39 27.86 1.85 11.64
C ARG A 39 28.39 1.58 10.23
N TRP A 40 27.52 1.23 9.28
CA TRP A 40 27.95 0.84 7.94
C TRP A 40 27.52 1.88 6.91
N LYS A 41 28.43 2.29 6.02
CA LYS A 41 28.13 3.25 4.95
C LYS A 41 28.69 2.80 3.60
N GLU A 42 27.89 2.99 2.56
CA GLU A 42 28.28 2.67 1.19
C GLU A 42 29.20 3.79 0.65
N GLN A 43 30.46 3.77 1.10
CA GLN A 43 31.42 4.86 0.79
C GLN A 43 31.78 4.97 -0.69
N SER A 44 31.71 3.84 -1.41
CA SER A 44 31.66 3.85 -2.88
C SER A 44 30.63 2.80 -3.28
N PRO A 45 30.15 2.81 -4.54
CA PRO A 45 29.06 1.90 -4.92
C PRO A 45 29.37 0.41 -4.68
N ALA A 46 28.42 -0.30 -4.05
CA ALA A 46 28.54 -1.72 -3.71
C ALA A 46 29.65 -2.07 -2.70
N HIS A 47 30.16 -1.06 -1.98
CA HIS A 47 31.31 -1.22 -1.08
C HIS A 47 30.96 -0.61 0.29
N TRP A 48 30.63 -1.47 1.23
CA TRP A 48 30.13 -1.05 2.54
C TRP A 48 31.25 -1.07 3.58
N SER A 49 31.58 0.10 4.11
CA SER A 49 32.64 0.23 5.13
C SER A 49 32.06 0.53 6.52
N GLY A 50 32.68 -0.03 7.57
CA GLY A 50 32.23 0.18 8.93
C GLY A 50 33.09 -0.52 9.96
N VAL A 51 32.92 -0.14 11.23
CA VAL A 51 33.73 -0.70 12.32
C VAL A 51 33.17 -2.06 12.71
N LEU A 52 34.06 -2.95 13.16
CA LEU A 52 33.67 -4.23 13.69
C LEU A 52 34.75 -4.68 14.67
N ALA A 53 34.46 -4.48 15.95
CA ALA A 53 35.35 -4.88 17.06
C ALA A 53 36.75 -4.29 16.93
N ASP A 54 36.83 -2.96 17.02
CA ASP A 54 38.12 -2.23 16.96
C ASP A 54 38.92 -2.46 15.66
N GLN A 55 38.20 -2.71 14.56
CA GLN A 55 38.80 -2.88 13.23
C GLN A 55 37.82 -2.38 12.19
N VAL A 56 38.34 -1.81 11.11
CA VAL A 56 37.50 -1.34 10.00
C VAL A 56 37.55 -2.35 8.84
N TRP A 57 36.39 -2.65 8.28
CA TRP A 57 36.25 -3.54 7.12
C TRP A 57 35.59 -2.79 5.98
N THR A 58 35.87 -3.24 4.75
CA THR A 58 35.03 -2.91 3.58
C THR A 58 34.51 -4.22 3.02
N LEU A 59 33.25 -4.21 2.57
CA LEU A 59 32.58 -5.41 2.09
C LEU A 59 31.90 -5.15 0.74
N THR A 60 32.11 -6.08 -0.20
CA THR A 60 31.42 -6.10 -1.49
C THR A 60 31.11 -7.56 -1.84
N GLN A 61 30.26 -7.77 -2.85
CA GLN A 61 29.81 -9.12 -3.18
C GLN A 61 29.46 -9.32 -4.65
N THR A 62 29.53 -10.58 -5.06
CA THR A 62 29.08 -11.04 -6.37
C THR A 62 27.86 -11.93 -6.12
N GLU A 63 27.35 -12.59 -7.16
CA GLU A 63 26.19 -13.46 -7.03
C GLU A 63 26.40 -14.63 -6.06
N ASP A 64 27.63 -15.14 -5.96
CA ASP A 64 27.94 -16.29 -5.09
C ASP A 64 29.20 -16.19 -4.20
N GLN A 65 29.79 -15.00 -4.10
CA GLN A 65 30.96 -14.76 -3.24
C GLN A 65 30.84 -13.44 -2.46
N LEU A 66 31.27 -13.47 -1.20
CA LEU A 66 31.30 -12.29 -0.33
C LEU A 66 32.76 -11.84 -0.14
N TYR A 67 33.14 -10.77 -0.83
CA TYR A 67 34.52 -10.27 -0.78
C TYR A 67 34.69 -9.27 0.37
N CYS A 68 35.79 -9.39 1.12
CA CYS A 68 36.04 -8.53 2.30
C CYS A 68 37.53 -8.20 2.50
N THR A 69 37.78 -7.00 3.02
CA THR A 69 39.15 -6.51 3.31
C THR A 69 39.20 -5.76 4.64
N VAL A 70 40.36 -5.81 5.31
CA VAL A 70 40.55 -5.26 6.66
C VAL A 70 41.62 -4.18 6.72
N TYR A 71 41.31 -3.10 7.45
CA TYR A 71 42.28 -2.03 7.75
C TYR A 71 42.62 -2.15 9.23
N ARG A 72 43.90 -2.34 9.55
CA ARG A 72 44.34 -2.55 10.95
C ARG A 72 44.72 -1.27 11.73
N GLY A 73 44.73 -0.12 11.06
CA GLY A 73 44.83 1.17 11.75
C GLY A 73 46.23 1.57 12.18
N ASP A 74 46.82 0.78 13.08
CA ASP A 74 48.22 0.95 13.49
C ASP A 74 49.14 0.80 12.28
N ASP A 75 50.30 1.42 12.35
CA ASP A 75 51.25 1.44 11.23
C ASP A 75 51.84 0.02 11.05
N SER A 76 51.06 -0.84 10.40
CA SER A 76 51.38 -2.24 10.18
C SER A 76 51.49 -2.48 8.68
N GLN A 77 51.96 -3.67 8.30
CA GLN A 77 51.97 -4.07 6.89
C GLN A 77 50.55 -4.44 6.51
N VAL A 78 50.01 -3.76 5.49
CA VAL A 78 48.69 -4.09 4.94
C VAL A 78 48.70 -5.49 4.33
N SER A 79 47.62 -6.24 4.53
CA SER A 79 47.48 -7.60 4.00
C SER A 79 46.03 -8.10 4.03
N ARG A 80 45.80 -9.29 3.46
CA ARG A 80 44.46 -9.90 3.43
C ARG A 80 43.98 -10.31 4.83
N PRO A 81 42.66 -10.52 5.00
CA PRO A 81 42.11 -11.06 6.23
C PRO A 81 42.71 -12.41 6.64
N THR A 82 42.88 -12.62 7.95
CA THR A 82 43.35 -13.91 8.48
C THR A 82 42.18 -14.88 8.58
N LEU A 83 42.47 -16.14 8.91
CA LEU A 83 41.43 -17.15 9.10
C LEU A 83 40.50 -16.83 10.29
N GLU A 84 41.09 -16.37 11.40
CA GLU A 84 40.32 -15.97 12.59
C GLU A 84 39.43 -14.74 12.32
N GLU A 85 39.94 -13.81 11.52
CA GLU A 85 39.18 -12.62 11.12
C GLU A 85 38.00 -12.97 10.21
N LEU A 86 38.19 -13.93 9.31
CA LEU A 86 37.09 -14.45 8.49
C LEU A 86 36.04 -15.22 9.33
N GLU A 87 36.49 -15.89 10.40
CA GLU A 87 35.57 -16.52 11.37
C GLU A 87 34.75 -15.50 12.17
N THR A 88 35.34 -14.34 12.46
CA THR A 88 34.61 -13.23 13.06
C THR A 88 33.49 -12.73 12.15
N LEU A 89 33.80 -12.61 10.85
CA LEU A 89 32.81 -12.16 9.86
C LEU A 89 31.75 -13.22 9.54
N HIS A 90 32.11 -14.50 9.65
CA HIS A 90 31.16 -15.60 9.45
C HIS A 90 30.12 -15.62 10.56
N LYS A 91 30.56 -15.43 11.80
CA LYS A 91 29.67 -15.36 12.96
C LYS A 91 28.87 -14.05 13.01
N TYR A 92 29.44 -12.96 12.47
CA TYR A 92 28.71 -11.69 12.37
C TYR A 92 27.44 -11.82 11.54
N PHE A 93 27.56 -12.46 10.38
CA PHE A 93 26.40 -12.72 9.52
C PHE A 93 25.60 -13.98 9.87
N GLN A 94 26.10 -14.79 10.80
CA GLN A 94 25.39 -16.00 11.25
C GLN A 94 25.14 -16.96 10.06
N LEU A 95 26.20 -17.19 9.31
CA LEU A 95 26.11 -17.93 8.04
C LEU A 95 25.93 -19.45 8.21
N ASP A 96 26.16 -19.97 9.40
CA ASP A 96 25.79 -21.37 9.73
C ASP A 96 24.31 -21.65 9.46
N VAL A 97 23.46 -20.68 9.78
CA VAL A 97 22.01 -20.82 9.62
C VAL A 97 21.63 -20.67 8.14
N SER A 98 20.91 -21.67 7.61
CA SER A 98 20.38 -21.63 6.25
C SER A 98 19.14 -20.75 6.19
N LEU A 99 19.28 -19.58 5.58
CA LEU A 99 18.17 -18.65 5.40
C LEU A 99 17.15 -19.12 4.35
N ALA A 100 17.60 -19.90 3.36
CA ALA A 100 16.72 -20.48 2.33
C ALA A 100 15.60 -21.32 2.95
N GLN A 101 16.01 -22.22 3.84
CA GLN A 101 15.07 -23.11 4.53
C GLN A 101 14.14 -22.33 5.48
N LEU A 102 14.66 -21.28 6.11
CA LEU A 102 13.82 -20.39 6.96
C LEU A 102 12.77 -19.63 6.16
N TYR A 103 13.18 -19.08 5.01
CA TYR A 103 12.26 -18.36 4.11
C TYR A 103 11.05 -19.21 3.72
N SER A 104 11.31 -20.43 3.22
CA SER A 104 10.25 -21.34 2.78
C SER A 104 9.36 -21.80 3.95
N HIS A 105 9.96 -22.00 5.12
CA HIS A 105 9.23 -22.38 6.33
C HIS A 105 8.23 -21.29 6.75
N TRP A 106 8.70 -20.04 6.77
CA TRP A 106 7.80 -18.91 7.04
C TRP A 106 6.76 -18.76 5.92
N ALA A 107 7.20 -18.91 4.67
CA ALA A 107 6.31 -18.83 3.50
C ALA A 107 5.15 -19.84 3.52
N SER A 108 5.39 -21.03 4.05
CA SER A 108 4.36 -22.09 4.12
C SER A 108 3.09 -21.72 4.91
N VAL A 109 3.22 -20.82 5.90
CA VAL A 109 2.08 -20.35 6.70
C VAL A 109 1.75 -18.86 6.53
N ASP A 110 2.40 -18.19 5.58
CA ASP A 110 2.34 -16.73 5.44
C ASP A 110 2.42 -16.31 3.98
N SER A 111 1.24 -16.10 3.38
CA SER A 111 1.12 -15.70 1.97
C SER A 111 1.70 -14.31 1.71
N HIS A 112 1.61 -13.41 2.69
CA HIS A 112 2.17 -12.07 2.56
C HIS A 112 3.69 -12.16 2.49
N PHE A 113 4.28 -12.86 3.46
CA PHE A 113 5.72 -13.12 3.46
C PHE A 113 6.22 -13.71 2.14
N GLN A 114 5.49 -14.71 1.64
CA GLN A 114 5.80 -15.38 0.36
C GLN A 114 5.96 -14.39 -0.80
N ARG A 115 5.08 -13.40 -0.86
CA ARG A 115 5.15 -12.35 -1.90
C ARG A 115 6.36 -11.44 -1.68
N VAL A 116 6.52 -10.95 -0.45
CA VAL A 116 7.63 -10.06 -0.08
C VAL A 116 8.99 -10.75 -0.26
N ALA A 117 9.05 -12.05 0.04
CA ALA A 117 10.27 -12.85 -0.09
C ALA A 117 10.83 -13.00 -1.51
N GLN A 118 10.02 -12.69 -2.53
CA GLN A 118 10.48 -12.68 -3.92
C GLN A 118 11.48 -11.54 -4.17
N LYS A 119 11.10 -10.32 -3.78
CA LYS A 119 11.93 -9.15 -4.02
C LYS A 119 13.10 -8.97 -3.03
N PHE A 120 12.92 -9.43 -1.78
CA PHE A 120 13.87 -9.17 -0.70
C PHE A 120 14.46 -10.45 -0.12
N GLN A 121 15.38 -11.04 -0.87
CA GLN A 121 16.10 -12.24 -0.45
C GLN A 121 17.43 -11.87 0.23
N GLY A 122 17.88 -12.73 1.13
CA GLY A 122 19.17 -12.56 1.81
C GLY A 122 19.15 -11.49 2.88
N VAL A 123 18.02 -11.34 3.56
CA VAL A 123 17.89 -10.42 4.69
C VAL A 123 18.04 -11.23 5.98
N ARG A 124 19.27 -11.24 6.50
CA ARG A 124 19.62 -11.99 7.71
C ARG A 124 19.90 -11.05 8.87
N LEU A 125 19.87 -11.60 10.08
CA LEU A 125 20.17 -10.85 11.30
C LEU A 125 21.67 -10.82 11.55
N LEU A 126 22.19 -9.64 11.87
CA LEU A 126 23.58 -9.51 12.32
C LEU A 126 23.68 -10.00 13.77
N ARG A 127 24.83 -10.54 14.14
CA ARG A 127 25.13 -10.90 15.53
C ARG A 127 26.05 -9.80 16.09
N GLN A 128 25.43 -8.79 16.68
CA GLN A 128 26.12 -7.58 17.09
C GLN A 128 26.71 -7.69 18.49
N ASP A 129 27.67 -6.82 18.78
CA ASP A 129 28.18 -6.67 20.14
C ASP A 129 27.01 -6.20 21.03
N PRO A 130 26.81 -6.85 22.19
CA PRO A 130 25.75 -6.42 23.12
C PRO A 130 25.81 -4.96 23.58
N THR A 131 27.01 -4.47 23.90
CA THR A 131 27.15 -3.09 24.37
C THR A 131 26.79 -2.10 23.26
N GLU A 132 27.36 -2.30 22.07
CA GLU A 132 27.10 -1.45 20.91
C GLU A 132 25.62 -1.42 20.55
N CYS A 133 25.00 -2.59 20.58
CA CYS A 133 23.59 -2.76 20.28
C CYS A 133 22.69 -2.08 21.32
N LEU A 134 22.95 -2.34 22.59
CA LEU A 134 22.19 -1.73 23.70
C LEU A 134 22.10 -0.20 23.59
N PHE A 135 23.25 0.48 23.57
CA PHE A 135 23.28 1.95 23.54
C PHE A 135 22.82 2.57 22.21
N SER A 136 23.08 1.88 21.09
CA SER A 136 22.51 2.27 19.79
C SER A 136 20.97 2.29 19.86
N PHE A 137 20.37 1.28 20.50
CA PHE A 137 18.89 1.21 20.57
C PHE A 137 18.28 2.03 21.72
N ILE A 138 19.08 2.46 22.69
CA ILE A 138 18.67 3.55 23.59
C ILE A 138 18.56 4.85 22.79
N CYS A 139 19.47 5.04 21.83
CA CYS A 139 19.40 6.18 20.90
C CYS A 139 18.23 6.16 19.90
N SER A 140 17.60 5.00 19.71
CA SER A 140 16.57 4.83 18.67
C SER A 140 15.17 5.29 19.00
N SER A 141 14.88 5.56 20.27
CA SER A 141 13.52 5.95 20.70
C SER A 141 13.09 7.24 20.04
N ASN A 142 11.92 7.23 19.41
CA ASN A 142 11.33 8.40 18.73
C ASN A 142 12.34 9.01 17.75
N ASN A 143 12.92 8.15 16.92
CA ASN A 143 14.09 8.52 16.11
C ASN A 143 14.12 7.74 14.79
N ASN A 144 14.89 8.24 13.83
CA ASN A 144 15.04 7.58 12.51
C ASN A 144 16.47 7.08 12.24
N ILE A 145 16.63 6.33 11.15
CA ILE A 145 17.92 5.74 10.81
C ILE A 145 19.00 6.80 10.65
N ALA A 146 18.68 7.90 9.95
CA ALA A 146 19.67 8.95 9.67
C ALA A 146 20.15 9.63 10.96
N ARG A 147 19.22 9.98 11.84
CA ARG A 147 19.57 10.66 13.10
C ARG A 147 20.24 9.74 14.12
N ILE A 148 19.81 8.47 14.17
CA ILE A 148 20.44 7.48 15.05
C ILE A 148 21.90 7.28 14.64
N THR A 149 22.14 7.16 13.34
CA THR A 149 23.50 7.02 12.79
C THR A 149 24.40 8.17 13.25
N GLY A 150 23.86 9.39 13.17
CA GLY A 150 24.59 10.58 13.58
C GLY A 150 24.95 10.52 15.05
N MET A 151 23.94 10.33 15.89
CA MET A 151 24.14 10.22 17.34
C MET A 151 25.23 9.20 17.71
N VAL A 152 25.19 8.04 17.07
CA VAL A 152 26.13 6.96 17.36
C VAL A 152 27.53 7.25 16.82
N GLU A 153 27.62 7.91 15.67
CA GLU A 153 28.94 8.28 15.11
C GLU A 153 29.65 9.32 16.00
N ARG A 154 28.91 10.31 16.47
CA ARG A 154 29.47 11.35 17.36
C ARG A 154 29.86 10.79 18.72
N LEU A 155 29.00 9.92 19.26
CA LEU A 155 29.23 9.24 20.54
C LEU A 155 30.55 8.48 20.52
N CYS A 156 30.83 7.78 19.43
CA CYS A 156 32.06 6.99 19.28
C CYS A 156 33.30 7.88 19.10
N GLN A 157 33.18 8.94 18.31
CA GLN A 157 34.27 9.94 18.19
C GLN A 157 34.65 10.55 19.54
N ALA A 158 33.65 10.92 20.34
CA ALA A 158 33.86 11.55 21.64
C ALA A 158 34.42 10.60 22.70
N PHE A 159 33.74 9.46 22.87
CA PHE A 159 34.04 8.54 23.98
C PHE A 159 34.89 7.32 23.62
N GLY A 160 34.93 6.95 22.34
CA GLY A 160 35.61 5.73 21.91
C GLY A 160 37.00 5.95 21.35
N PRO A 161 37.84 4.90 21.34
CA PRO A 161 39.21 5.01 20.84
C PRO A 161 39.29 5.15 19.32
N ARG A 162 40.22 5.98 18.85
CA ARG A 162 40.48 6.16 17.42
C ARG A 162 41.13 4.89 16.83
N LEU A 163 40.69 4.51 15.64
CA LEU A 163 41.20 3.31 14.96
C LEU A 163 42.02 3.65 13.73
N ILE A 164 41.42 4.41 12.81
CA ILE A 164 42.08 4.78 11.54
C ILE A 164 41.29 5.88 10.84
N GLN A 165 41.97 6.66 10.01
CA GLN A 165 41.34 7.58 9.07
C GLN A 165 41.49 7.04 7.65
N LEU A 166 40.37 7.00 6.92
CA LEU A 166 40.36 6.69 5.49
C LEU A 166 39.62 7.83 4.81
N ASP A 167 40.32 8.53 3.92
CA ASP A 167 39.82 9.77 3.29
C ASP A 167 39.44 10.79 4.38
N ASP A 168 38.18 11.26 4.40
CA ASP A 168 37.73 12.22 5.42
C ASP A 168 37.11 11.57 6.66
N VAL A 169 36.88 10.25 6.60
CA VAL A 169 36.18 9.52 7.65
C VAL A 169 37.18 9.00 8.69
N THR A 170 37.10 9.52 9.91
CA THR A 170 37.89 9.00 11.02
C THR A 170 37.03 7.97 11.77
N TYR A 171 37.53 6.74 11.86
CA TYR A 171 36.79 5.63 12.48
C TYR A 171 37.18 5.44 13.94
N HIS A 172 36.17 5.26 14.79
CA HIS A 172 36.37 5.01 16.22
C HIS A 172 35.65 3.73 16.64
N GLY A 173 36.28 2.97 17.53
CA GLY A 173 35.64 1.82 18.14
C GLY A 173 34.55 2.26 19.11
N PHE A 174 33.72 1.31 19.54
CA PHE A 174 32.64 1.65 20.45
C PHE A 174 33.20 1.79 21.87
N PRO A 175 32.73 2.80 22.63
CA PRO A 175 33.30 2.98 23.98
C PRO A 175 33.00 1.85 24.94
N ASN A 176 33.88 1.66 25.92
CA ASN A 176 33.59 0.78 27.04
C ASN A 176 32.60 1.48 27.98
N LEU A 177 32.06 0.73 28.92
CA LEU A 177 31.01 1.23 29.82
C LEU A 177 31.50 2.35 30.73
N HIS A 178 32.72 2.21 31.26
CA HIS A 178 33.31 3.22 32.16
C HIS A 178 33.37 4.61 31.53
N ALA A 179 33.70 4.67 30.23
CA ALA A 179 33.78 5.93 29.50
C ALA A 179 32.45 6.69 29.44
N LEU A 180 31.35 5.95 29.26
CA LEU A 180 30.01 6.54 29.16
C LEU A 180 29.39 6.89 30.52
N ALA A 181 29.92 6.29 31.60
CA ALA A 181 29.38 6.47 32.96
C ALA A 181 29.93 7.67 33.74
N GLY A 182 30.84 8.45 33.14
CA GLY A 182 31.54 9.52 33.87
C GLY A 182 30.66 10.72 34.22
N PRO A 183 31.10 11.54 35.19
CA PRO A 183 30.27 12.63 35.71
C PRO A 183 29.86 13.69 34.68
N GLU A 184 30.66 13.88 33.63
CA GLU A 184 30.38 14.84 32.55
C GLU A 184 29.66 14.24 31.34
N ALA A 185 29.40 12.93 31.37
CA ALA A 185 28.97 12.20 30.17
C ALA A 185 27.58 12.60 29.66
N GLU A 186 26.64 12.83 30.58
CA GLU A 186 25.31 13.31 30.17
C GLU A 186 25.38 14.66 29.47
N THR A 187 26.15 15.59 30.05
CA THR A 187 26.27 16.95 29.50
C THR A 187 26.99 16.96 28.15
N HIS A 188 28.03 16.15 28.02
CA HIS A 188 28.72 15.98 26.74
C HIS A 188 27.74 15.41 25.71
N LEU A 189 27.00 14.37 26.10
CA LEU A 189 26.05 13.72 25.18
C LEU A 189 24.90 14.64 24.74
N ARG A 190 24.41 15.49 25.64
CA ARG A 190 23.40 16.50 25.27
C ARG A 190 23.95 17.49 24.25
N LYS A 191 25.19 17.94 24.47
CA LYS A 191 25.88 18.84 23.56
C LYS A 191 26.09 18.18 22.18
N LEU A 192 26.27 16.86 22.16
CA LEU A 192 26.37 16.07 20.91
C LEU A 192 25.03 15.76 20.22
N GLY A 193 23.90 16.17 20.83
CA GLY A 193 22.58 16.18 20.17
C GLY A 193 21.63 15.02 20.47
N LEU A 194 21.87 14.29 21.56
CA LEU A 194 21.03 13.13 21.94
C LEU A 194 19.76 13.50 22.72
N GLY A 195 19.72 14.72 23.28
CA GLY A 195 18.55 15.16 24.05
C GLY A 195 18.36 14.33 25.32
N TYR A 196 17.11 14.01 25.62
CA TYR A 196 16.76 13.18 26.79
C TYR A 196 17.47 11.81 26.85
N ARG A 197 17.89 11.29 25.69
CA ARG A 197 18.54 9.98 25.58
C ARG A 197 19.91 9.95 26.27
N ALA A 198 20.57 11.10 26.29
CA ALA A 198 21.84 11.29 27.02
C ALA A 198 21.79 10.79 28.47
N ARG A 199 20.69 11.07 29.17
CA ARG A 199 20.54 10.61 30.56
C ARG A 199 20.52 9.08 30.65
N TYR A 200 19.78 8.45 29.74
CA TYR A 200 19.65 7.00 29.74
C TYR A 200 20.96 6.28 29.38
N VAL A 201 21.74 6.88 28.48
CA VAL A 201 23.04 6.33 28.11
C VAL A 201 23.96 6.27 29.32
N ARG A 202 24.23 7.43 29.94
CA ARG A 202 25.02 7.48 31.18
C ARG A 202 24.45 6.59 32.28
N ALA A 203 23.15 6.67 32.52
CA ALA A 203 22.52 5.96 33.62
C ALA A 203 22.67 4.45 33.47
N SER A 204 22.40 3.95 32.26
CA SER A 204 22.50 2.51 32.00
C SER A 204 23.94 2.00 32.03
N ALA A 205 24.88 2.79 31.54
CA ALA A 205 26.32 2.50 31.68
C ALA A 205 26.71 2.35 33.15
N LYS A 206 26.36 3.35 33.95
CA LYS A 206 26.57 3.33 35.40
C LYS A 206 25.89 2.12 36.05
N ALA A 207 24.66 1.84 35.63
CA ALA A 207 23.89 0.72 36.20
C ALA A 207 24.47 -0.64 35.84
N ILE A 208 24.89 -0.82 34.59
CA ILE A 208 25.47 -2.12 34.19
C ILE A 208 26.74 -2.41 35.01
N LEU A 209 27.60 -1.41 35.19
CA LEU A 209 28.81 -1.58 36.02
C LEU A 209 28.45 -1.87 37.49
N GLU A 210 27.87 -0.88 38.16
CA GLU A 210 27.63 -0.94 39.60
C GLU A 210 26.59 -1.97 40.04
N GLU A 211 25.45 -2.02 39.35
CA GLU A 211 24.34 -2.91 39.74
C GLU A 211 24.41 -4.32 39.13
N GLN A 212 25.12 -4.49 38.02
CA GLN A 212 25.18 -5.79 37.32
C GLN A 212 26.59 -6.36 37.07
N GLY A 213 27.63 -5.55 37.18
CA GLY A 213 29.01 -6.04 37.16
C GLY A 213 29.79 -5.93 35.87
N GLY A 214 29.30 -5.14 34.91
CA GLY A 214 30.03 -4.85 33.67
C GLY A 214 29.69 -5.76 32.49
N PRO A 215 30.53 -5.75 31.43
CA PRO A 215 30.17 -6.41 30.15
C PRO A 215 29.91 -7.91 30.21
N ALA A 216 30.50 -8.60 31.20
CA ALA A 216 30.26 -10.04 31.38
C ALA A 216 28.79 -10.38 31.66
N TRP A 217 28.07 -9.45 32.30
CA TRP A 217 26.63 -9.58 32.54
C TRP A 217 25.84 -9.74 31.25
N LEU A 218 26.23 -9.02 30.20
CA LEU A 218 25.61 -9.15 28.88
C LEU A 218 25.95 -10.48 28.20
N GLN A 219 27.15 -11.00 28.45
CA GLN A 219 27.51 -12.36 28.01
C GLN A 219 26.74 -13.45 28.79
N GLN A 220 26.44 -13.22 30.07
CA GLN A 220 25.56 -14.13 30.83
C GLN A 220 24.16 -14.18 30.22
N LEU A 221 23.66 -13.02 29.78
CA LEU A 221 22.33 -12.96 29.14
C LEU A 221 22.28 -13.67 27.78
N ARG A 222 23.43 -13.83 27.11
CA ARG A 222 23.52 -14.68 25.89
C ARG A 222 23.14 -16.13 26.13
N VAL A 223 23.58 -16.68 27.26
CA VAL A 223 23.32 -18.09 27.59
C VAL A 223 22.06 -18.28 28.44
N ALA A 224 21.53 -17.19 29.02
CA ALA A 224 20.26 -17.23 29.75
C ALA A 224 19.08 -17.38 28.79
N PRO A 225 17.93 -17.88 29.28
CA PRO A 225 16.75 -17.95 28.41
C PRO A 225 16.15 -16.56 28.11
N TYR A 226 15.51 -16.45 26.94
CA TYR A 226 14.97 -15.20 26.39
C TYR A 226 14.25 -14.34 27.43
N GLU A 227 13.34 -14.95 28.16
CA GLU A 227 12.42 -14.21 29.04
C GLU A 227 13.15 -13.62 30.25
N GLU A 228 14.10 -14.38 30.80
CA GLU A 228 14.97 -13.91 31.89
C GLU A 228 15.85 -12.72 31.44
N ALA A 229 16.45 -12.84 30.26
CA ALA A 229 17.29 -11.77 29.70
C ALA A 229 16.48 -10.49 29.45
N HIS A 230 15.28 -10.66 28.91
CA HIS A 230 14.37 -9.55 28.64
C HIS A 230 14.00 -8.78 29.92
N LYS A 231 13.62 -9.52 30.96
CA LYS A 231 13.28 -8.91 32.25
C LYS A 231 14.49 -8.17 32.84
N ALA A 232 15.66 -8.77 32.73
CA ALA A 232 16.90 -8.18 33.24
C ALA A 232 17.23 -6.87 32.54
N LEU A 233 17.14 -6.86 31.22
CA LEU A 233 17.38 -5.65 30.43
C LEU A 233 16.37 -4.53 30.75
N CYS A 234 15.11 -4.88 31.01
CA CYS A 234 14.06 -3.90 31.33
C CYS A 234 14.24 -3.18 32.67
N THR A 235 15.15 -3.68 33.53
CA THR A 235 15.54 -2.94 34.73
C THR A 235 16.45 -1.72 34.43
N LEU A 236 17.05 -1.67 33.25
CA LEU A 236 17.99 -0.60 32.92
C LEU A 236 17.26 0.72 32.56
N PRO A 237 17.84 1.87 32.93
CA PRO A 237 17.31 3.17 32.54
C PRO A 237 17.16 3.37 31.03
N GLY A 238 15.94 3.65 30.58
CA GLY A 238 15.66 3.86 29.14
C GLY A 238 15.50 2.60 28.31
N VAL A 239 15.51 1.44 28.96
CA VAL A 239 15.34 0.16 28.28
C VAL A 239 13.99 -0.43 28.66
N GLY A 240 13.05 -0.39 27.71
CA GLY A 240 11.74 -1.05 27.84
C GLY A 240 11.67 -2.24 26.92
N ALA A 241 10.45 -2.76 26.74
CA ALA A 241 10.22 -4.01 25.98
C ALA A 241 10.77 -3.97 24.55
N LYS A 242 10.54 -2.86 23.85
CA LYS A 242 11.02 -2.67 22.48
C LYS A 242 12.55 -2.77 22.37
N VAL A 243 13.24 -1.95 23.17
CA VAL A 243 14.70 -1.89 23.17
C VAL A 243 15.28 -3.22 23.66
N ALA A 244 14.72 -3.75 24.75
CA ALA A 244 15.14 -5.04 25.29
C ALA A 244 15.02 -6.18 24.28
N ASP A 245 13.94 -6.19 23.50
CA ASP A 245 13.76 -7.18 22.43
C ASP A 245 14.77 -7.00 21.31
N CYS A 246 15.03 -5.74 20.92
CA CYS A 246 16.03 -5.47 19.87
C CYS A 246 17.38 -6.03 20.22
N ILE A 247 17.75 -5.92 21.50
CA ILE A 247 19.02 -6.43 21.98
C ILE A 247 18.98 -7.96 22.03
N CYS A 248 17.91 -8.51 22.61
CA CYS A 248 17.70 -9.97 22.65
C CYS A 248 17.86 -10.57 21.25
N LEU A 249 17.12 -10.02 20.29
CA LEU A 249 17.17 -10.49 18.91
C LEU A 249 18.54 -10.35 18.25
N MET A 250 19.16 -9.18 18.41
CA MET A 250 20.29 -8.80 17.57
C MET A 250 21.66 -9.03 18.18
N ALA A 251 21.72 -9.23 19.50
CA ALA A 251 22.99 -9.47 20.20
C ALA A 251 23.03 -10.61 21.22
N LEU A 252 21.87 -11.12 21.67
CA LEU A 252 21.85 -12.18 22.67
C LEU A 252 21.29 -13.51 22.18
N ASP A 253 21.28 -13.72 20.86
CA ASP A 253 20.90 -15.00 20.26
C ASP A 253 19.52 -15.48 20.75
N LYS A 254 18.55 -14.58 20.75
CA LYS A 254 17.15 -14.93 20.97
C LYS A 254 16.37 -14.65 19.67
N PRO A 255 16.40 -15.59 18.70
CA PRO A 255 15.75 -15.33 17.40
C PRO A 255 14.23 -15.17 17.48
N GLN A 256 13.61 -15.66 18.55
CA GLN A 256 12.15 -15.52 18.75
C GLN A 256 11.70 -14.11 19.17
N ALA A 257 12.64 -13.26 19.59
CA ALA A 257 12.31 -11.89 20.02
C ALA A 257 11.74 -11.06 18.88
N VAL A 258 10.60 -10.42 19.16
CA VAL A 258 9.83 -9.63 18.20
C VAL A 258 9.72 -8.23 18.82
N PRO A 259 10.62 -7.29 18.41
CA PRO A 259 10.52 -5.91 18.89
C PRO A 259 9.26 -5.20 18.41
N VAL A 260 8.40 -4.80 19.35
CA VAL A 260 7.09 -4.24 19.05
C VAL A 260 7.00 -2.78 19.42
N ASP A 261 6.91 -1.92 18.39
CA ASP A 261 6.48 -0.54 18.54
C ASP A 261 5.63 -0.19 17.31
N VAL A 262 5.49 1.09 16.98
CA VAL A 262 4.59 1.57 15.93
C VAL A 262 4.86 0.94 14.53
N HIS A 263 6.10 0.56 14.27
CA HIS A 263 6.49 0.03 12.96
C HIS A 263 5.92 -1.37 12.67
N VAL A 264 5.95 -2.31 13.61
CA VAL A 264 5.22 -3.60 13.40
C VAL A 264 3.73 -3.44 13.56
N TRP A 265 3.29 -2.56 14.45
CA TRP A 265 1.86 -2.25 14.54
C TRP A 265 1.30 -1.90 13.18
N GLN A 266 2.01 -1.04 12.45
CA GLN A 266 1.58 -0.62 11.12
C GLN A 266 1.57 -1.81 10.16
N ILE A 267 2.65 -2.58 10.15
CA ILE A 267 2.75 -3.77 9.28
C ILE A 267 1.73 -4.85 9.65
N ALA A 268 1.63 -5.16 10.93
CA ALA A 268 0.65 -6.14 11.42
C ALA A 268 -0.77 -5.79 10.99
N HIS A 269 -1.14 -4.53 11.17
CA HIS A 269 -2.51 -4.10 10.92
C HIS A 269 -2.82 -4.02 9.42
N ARG A 270 -2.00 -3.28 8.68
CA ARG A 270 -2.21 -3.07 7.26
C ARG A 270 -2.04 -4.33 6.44
N ASP A 271 -1.02 -5.13 6.75
CA ASP A 271 -0.64 -6.30 5.93
C ASP A 271 -1.16 -7.65 6.44
N TYR A 272 -1.56 -7.74 7.72
CA TYR A 272 -2.13 -8.98 8.29
C TYR A 272 -3.55 -8.83 8.87
N GLY A 273 -4.13 -7.63 8.81
CA GLY A 273 -5.42 -7.39 9.42
C GLY A 273 -5.53 -7.64 10.91
N TRP A 274 -4.41 -7.45 11.63
CA TRP A 274 -4.35 -7.76 13.06
C TRP A 274 -4.91 -6.65 13.91
N HIS A 275 -5.68 -7.03 14.92
CA HIS A 275 -6.17 -6.12 15.95
C HIS A 275 -6.03 -6.84 17.29
N PRO A 276 -5.69 -6.10 18.37
CA PRO A 276 -5.63 -6.76 19.67
C PRO A 276 -6.99 -7.33 20.08
N LYS A 277 -7.01 -8.61 20.44
CA LYS A 277 -8.24 -9.33 20.72
C LYS A 277 -8.57 -9.23 22.21
N THR A 278 -7.63 -9.69 23.04
CA THR A 278 -7.81 -9.69 24.49
C THR A 278 -7.76 -8.29 25.11
N SER A 279 -6.83 -7.46 24.62
CA SER A 279 -6.69 -6.08 25.12
C SER A 279 -7.86 -5.21 24.65
N GLN A 280 -8.29 -4.28 25.51
CA GLN A 280 -9.52 -3.51 25.30
C GLN A 280 -9.38 -2.40 24.27
N ALA A 281 -8.48 -1.44 24.54
CA ALA A 281 -8.27 -0.29 23.67
C ALA A 281 -7.67 -0.71 22.33
N LYS A 282 -8.06 -0.01 21.26
CA LYS A 282 -7.74 -0.42 19.89
C LYS A 282 -6.29 -0.11 19.45
N GLY A 283 -5.56 0.68 20.23
CA GLY A 283 -4.18 1.08 19.91
C GLY A 283 -3.10 0.46 20.78
N PRO A 284 -1.83 0.91 20.62
CA PRO A 284 -0.71 0.38 21.40
C PRO A 284 -0.79 0.55 22.92
N SER A 285 -0.43 -0.51 23.64
CA SER A 285 -0.29 -0.52 25.10
C SER A 285 0.67 -1.66 25.46
N PRO A 286 1.20 -1.69 26.70
CA PRO A 286 2.12 -2.79 27.07
C PRO A 286 1.53 -4.20 26.92
N LEU A 287 0.27 -4.37 27.29
CA LEU A 287 -0.41 -5.66 27.17
C LEU A 287 -0.69 -6.02 25.70
N ALA A 288 -1.11 -5.04 24.92
CA ALA A 288 -1.38 -5.26 23.49
C ALA A 288 -0.09 -5.50 22.70
N ASN A 289 0.97 -4.75 23.04
CA ASN A 289 2.29 -4.95 22.42
C ASN A 289 2.81 -6.36 22.66
N LYS A 290 2.71 -6.82 23.90
CA LYS A 290 3.12 -8.18 24.27
C LYS A 290 2.35 -9.22 23.45
N GLU A 291 1.04 -9.01 23.33
CA GLU A 291 0.15 -9.87 22.54
C GLU A 291 0.56 -9.94 21.07
N LEU A 292 1.00 -8.81 20.51
CA LEU A 292 1.44 -8.77 19.11
C LEU A 292 2.73 -9.54 18.89
N GLY A 293 3.62 -9.54 19.88
CA GLY A 293 4.83 -10.36 19.84
C GLY A 293 4.51 -11.84 19.87
N ASN A 294 3.54 -12.21 20.71
CA ASN A 294 3.05 -13.58 20.77
C ASN A 294 2.37 -14.01 19.46
N PHE A 295 1.60 -13.10 18.84
CA PHE A 295 0.97 -13.36 17.54
C PHE A 295 1.96 -13.78 16.47
N PHE A 296 3.05 -13.02 16.34
CA PHE A 296 4.07 -13.31 15.34
C PHE A 296 4.92 -14.54 15.68
N ARG A 297 5.19 -14.76 16.97
CA ARG A 297 5.89 -15.99 17.40
C ARG A 297 5.07 -17.23 17.11
N ASN A 298 3.78 -17.18 17.44
CA ASN A 298 2.81 -18.23 17.14
C ASN A 298 2.76 -18.57 15.65
N LEU A 299 2.73 -17.53 14.81
CA LEU A 299 2.68 -17.69 13.35
C LEU A 299 3.98 -18.23 12.74
N TRP A 300 5.09 -17.54 13.00
CA TRP A 300 6.36 -17.81 12.30
C TRP A 300 7.26 -18.84 12.98
N GLY A 301 7.11 -19.01 14.29
CA GLY A 301 7.91 -19.99 15.04
C GLY A 301 9.03 -19.36 15.84
N PRO A 302 10.06 -20.15 16.21
CA PRO A 302 11.14 -19.66 17.05
C PRO A 302 12.21 -18.78 16.38
N TYR A 303 12.07 -18.48 15.08
CA TYR A 303 12.89 -17.44 14.42
C TYR A 303 12.04 -16.25 13.96
N ALA A 304 11.07 -15.88 14.80
CA ALA A 304 10.07 -14.84 14.49
C ALA A 304 10.68 -13.48 14.20
N GLY A 305 11.71 -13.13 14.96
CA GLY A 305 12.46 -11.88 14.76
C GLY A 305 13.17 -11.80 13.43
N TRP A 306 13.69 -12.93 12.95
CA TRP A 306 14.41 -12.95 11.67
C TRP A 306 13.47 -12.69 10.50
N ALA A 307 12.23 -13.15 10.64
CA ALA A 307 11.17 -12.87 9.67
C ALA A 307 10.78 -11.39 9.69
N GLN A 308 10.69 -10.80 10.89
CA GLN A 308 10.38 -9.38 11.07
C GLN A 308 11.38 -8.49 10.33
N ALA A 309 12.66 -8.85 10.41
CA ALA A 309 13.70 -8.11 9.73
C ALA A 309 13.46 -8.02 8.23
N VAL A 310 13.04 -9.14 7.64
CA VAL A 310 12.78 -9.20 6.19
C VAL A 310 11.69 -8.19 5.82
N LEU A 311 10.60 -8.20 6.59
CA LEU A 311 9.50 -7.25 6.39
C LEU A 311 9.88 -5.79 6.66
N PHE A 312 10.62 -5.55 7.75
CA PHE A 312 11.17 -4.21 8.03
C PHE A 312 12.04 -3.71 6.90
N SER A 313 12.98 -4.54 6.46
CA SER A 313 13.82 -4.23 5.31
C SER A 313 12.99 -3.91 4.06
N ALA A 314 11.92 -4.66 3.83
CA ALA A 314 10.99 -4.39 2.72
C ALA A 314 10.14 -3.12 2.91
N ASP A 315 9.73 -2.86 4.14
CA ASP A 315 8.90 -1.68 4.46
C ASP A 315 9.71 -0.39 4.35
N LEU A 316 11.03 -0.45 4.58
CA LEU A 316 11.93 0.70 4.39
C LEU A 316 12.13 1.08 2.92
N ARG A 317 12.12 0.07 2.04
CA ARG A 317 12.26 0.31 0.59
C ARG A 317 10.89 0.56 -0.06
N GLN A 318 10.43 1.80 0.03
CA GLN A 318 9.24 2.31 -0.68
C GLN A 318 7.99 1.42 -0.53
N HIS B 3 6.57 -36.94 -32.85
CA HIS B 3 5.29 -36.28 -32.42
C HIS B 3 5.18 -34.83 -32.92
N MET B 4 4.01 -34.24 -32.75
CA MET B 4 3.75 -32.85 -33.17
C MET B 4 4.42 -31.86 -32.22
N ARG B 5 4.33 -30.57 -32.54
CA ARG B 5 4.96 -29.50 -31.75
C ARG B 5 3.96 -28.42 -31.35
N HIS B 6 4.38 -27.59 -30.38
CA HIS B 6 3.60 -26.42 -29.97
C HIS B 6 3.61 -25.37 -31.07
N ARG B 7 2.43 -25.03 -31.58
CA ARG B 7 2.28 -24.12 -32.70
C ARG B 7 2.46 -22.66 -32.29
N THR B 8 2.83 -21.84 -33.28
CA THR B 8 2.73 -20.38 -33.19
C THR B 8 1.96 -19.89 -34.43
N LEU B 9 1.56 -18.62 -34.42
CA LEU B 9 0.74 -18.05 -35.49
C LEU B 9 1.55 -17.88 -36.77
N SER B 10 2.78 -17.39 -36.64
CA SER B 10 3.70 -17.24 -37.76
C SER B 10 4.16 -18.59 -38.34
N SER B 11 4.42 -19.56 -37.47
CA SER B 11 4.89 -20.88 -37.88
C SER B 11 3.89 -21.68 -38.69
N SER B 12 2.63 -21.69 -38.24
CA SER B 12 1.60 -22.58 -38.81
C SER B 12 0.27 -21.85 -39.07
N PRO B 13 0.31 -20.71 -39.80
CA PRO B 13 -0.82 -19.77 -39.93
C PRO B 13 -2.12 -20.36 -40.52
N ALA B 14 -2.00 -21.40 -41.34
CA ALA B 14 -3.16 -22.08 -41.93
C ALA B 14 -4.08 -22.70 -40.88
N LEU B 15 -3.50 -23.26 -39.80
CA LEU B 15 -4.26 -24.05 -38.82
C LEU B 15 -5.00 -23.25 -37.72
N TRP B 16 -4.92 -21.91 -37.72
CA TRP B 16 -5.58 -21.07 -36.72
C TRP B 16 -6.91 -20.49 -37.24
N ALA B 17 -7.98 -20.64 -36.46
CA ALA B 17 -9.23 -19.92 -36.67
C ALA B 17 -9.21 -18.65 -35.81
N SER B 18 -10.29 -17.87 -35.83
CA SER B 18 -10.37 -16.66 -34.99
C SER B 18 -11.80 -16.21 -34.69
N ILE B 19 -11.94 -15.52 -33.56
CA ILE B 19 -13.21 -14.94 -33.09
C ILE B 19 -12.96 -13.45 -32.86
N PRO B 20 -13.89 -12.57 -33.29
CA PRO B 20 -13.71 -11.16 -32.98
C PRO B 20 -13.83 -10.93 -31.47
N CYS B 21 -12.81 -10.32 -30.88
CA CYS B 21 -12.74 -10.16 -29.43
C CYS B 21 -11.72 -9.08 -29.07
N PRO B 22 -12.19 -7.87 -28.69
CA PRO B 22 -11.22 -6.83 -28.32
C PRO B 22 -10.44 -7.18 -27.06
N ARG B 23 -9.23 -6.64 -26.95
CA ARG B 23 -8.36 -6.91 -25.82
C ARG B 23 -8.98 -6.47 -24.50
N SER B 24 -9.78 -5.39 -24.54
CA SER B 24 -10.48 -4.90 -23.36
C SER B 24 -11.52 -5.86 -22.79
N GLU B 25 -12.05 -6.76 -23.62
CA GLU B 25 -13.01 -7.77 -23.16
C GLU B 25 -12.36 -9.10 -22.70
N LEU B 26 -11.10 -9.33 -23.04
CA LEU B 26 -10.38 -10.52 -22.62
C LEU B 26 -8.88 -10.33 -22.78
N ARG B 27 -8.16 -10.38 -21.66
CA ARG B 27 -6.70 -10.44 -21.65
C ARG B 27 -6.30 -11.82 -21.15
N LEU B 28 -5.75 -12.64 -22.05
CA LEU B 28 -5.40 -14.04 -21.75
C LEU B 28 -4.33 -14.17 -20.68
N ASP B 29 -3.39 -13.21 -20.65
CA ASP B 29 -2.35 -13.22 -19.62
C ASP B 29 -2.90 -13.08 -18.19
N LEU B 30 -3.86 -12.17 -18.01
CA LEU B 30 -4.47 -11.93 -16.71
C LEU B 30 -5.50 -12.99 -16.31
N VAL B 31 -6.19 -13.59 -17.29
CA VAL B 31 -7.29 -14.51 -17.01
C VAL B 31 -6.84 -15.96 -16.77
N LEU B 32 -5.96 -16.48 -17.63
CA LEU B 32 -5.52 -17.88 -17.55
C LEU B 32 -4.52 -18.17 -16.43
N ALA B 33 -3.92 -17.14 -15.84
CA ALA B 33 -2.92 -17.27 -14.77
C ALA B 33 -3.30 -16.62 -13.43
N SER B 34 -4.52 -16.11 -13.28
CA SER B 34 -4.94 -15.46 -12.03
C SER B 34 -5.50 -16.43 -10.97
N GLY B 35 -5.45 -17.73 -11.25
CA GLY B 35 -5.87 -18.76 -10.31
C GLY B 35 -7.35 -19.12 -10.39
N GLN B 36 -7.85 -19.26 -11.62
CA GLN B 36 -9.18 -19.83 -11.89
C GLN B 36 -9.01 -21.24 -12.42
N SER B 37 -8.23 -21.34 -13.51
CA SER B 37 -7.76 -22.59 -14.06
C SER B 37 -6.27 -22.71 -13.75
N PHE B 38 -5.80 -23.94 -13.64
CA PHE B 38 -4.38 -24.20 -13.35
C PHE B 38 -3.73 -25.02 -14.47
N ARG B 39 -4.35 -25.01 -15.66
CA ARG B 39 -4.04 -25.92 -16.75
C ARG B 39 -3.60 -25.22 -18.04
N TRP B 40 -3.24 -23.93 -17.94
CA TRP B 40 -2.82 -23.13 -19.08
C TRP B 40 -1.39 -22.62 -18.87
N LYS B 41 -0.52 -22.86 -19.84
CA LYS B 41 0.89 -22.47 -19.73
C LYS B 41 1.31 -21.72 -20.99
N GLU B 42 2.01 -20.60 -20.81
CA GLU B 42 2.53 -19.81 -21.92
C GLU B 42 3.80 -20.48 -22.46
N GLN B 43 3.61 -21.55 -23.25
CA GLN B 43 4.72 -22.40 -23.70
C GLN B 43 5.68 -21.67 -24.65
N SER B 44 5.17 -20.73 -25.44
CA SER B 44 5.99 -19.73 -26.13
C SER B 44 5.33 -18.36 -25.98
N PRO B 45 6.10 -17.26 -26.15
CA PRO B 45 5.58 -15.90 -25.93
C PRO B 45 4.20 -15.63 -26.55
N ALA B 46 3.27 -15.15 -25.72
CA ALA B 46 1.89 -14.82 -26.11
C ALA B 46 1.07 -16.00 -26.67
N HIS B 47 1.47 -17.23 -26.36
CA HIS B 47 0.83 -18.43 -26.90
C HIS B 47 0.53 -19.45 -25.78
N TRP B 48 -0.66 -19.31 -25.20
CA TRP B 48 -1.09 -20.09 -24.03
C TRP B 48 -1.72 -21.39 -24.49
N SER B 49 -1.28 -22.53 -23.94
CA SER B 49 -1.74 -23.86 -24.36
C SER B 49 -2.27 -24.68 -23.19
N GLY B 50 -3.33 -25.46 -23.42
CA GLY B 50 -3.96 -26.25 -22.36
C GLY B 50 -5.10 -27.16 -22.81
N VAL B 51 -5.77 -27.77 -21.83
CA VAL B 51 -6.78 -28.81 -22.08
C VAL B 51 -8.21 -28.29 -21.88
N LEU B 52 -9.11 -28.69 -22.78
CA LEU B 52 -10.56 -28.44 -22.66
C LEU B 52 -11.32 -29.62 -23.24
N ALA B 53 -12.40 -30.04 -22.56
CA ALA B 53 -13.31 -31.07 -23.07
C ALA B 53 -12.61 -32.33 -23.61
N ASP B 54 -11.53 -32.74 -22.94
CA ASP B 54 -10.65 -33.83 -23.38
C ASP B 54 -10.02 -33.61 -24.78
N GLN B 55 -9.56 -32.39 -25.02
CA GLN B 55 -8.80 -32.01 -26.22
C GLN B 55 -7.83 -30.88 -25.86
N VAL B 56 -6.74 -30.76 -26.59
CA VAL B 56 -5.71 -29.73 -26.32
C VAL B 56 -5.92 -28.52 -27.23
N TRP B 57 -5.58 -27.34 -26.72
CA TRP B 57 -5.68 -26.08 -27.47
C TRP B 57 -4.42 -25.23 -27.27
N THR B 58 -4.19 -24.32 -28.21
CA THR B 58 -3.28 -23.17 -28.02
C THR B 58 -4.05 -21.91 -28.40
N LEU B 59 -3.84 -20.82 -27.64
CA LEU B 59 -4.56 -19.55 -27.83
C LEU B 59 -3.57 -18.39 -27.89
N THR B 60 -3.95 -17.34 -28.61
CA THR B 60 -3.17 -16.11 -28.68
C THR B 60 -4.10 -14.99 -29.14
N GLN B 61 -3.65 -13.74 -29.04
CA GLN B 61 -4.50 -12.61 -29.39
C GLN B 61 -3.74 -11.36 -29.82
N THR B 62 -4.32 -10.67 -30.79
CA THR B 62 -3.90 -9.33 -31.23
C THR B 62 -4.83 -8.33 -30.52
N GLU B 63 -4.76 -7.06 -30.91
CA GLU B 63 -5.57 -6.02 -30.28
C GLU B 63 -7.08 -6.27 -30.40
N ASP B 64 -7.51 -6.84 -31.51
CA ASP B 64 -8.94 -6.98 -31.81
C ASP B 64 -9.43 -8.43 -32.03
N GLN B 65 -8.53 -9.41 -31.96
CA GLN B 65 -8.84 -10.78 -32.37
C GLN B 65 -8.35 -11.82 -31.34
N LEU B 66 -9.10 -12.92 -31.20
CA LEU B 66 -8.72 -14.05 -30.35
C LEU B 66 -8.42 -15.25 -31.24
N TYR B 67 -7.13 -15.46 -31.54
CA TYR B 67 -6.71 -16.58 -32.38
C TYR B 67 -6.57 -17.85 -31.55
N CYS B 68 -6.87 -18.99 -32.17
CA CYS B 68 -6.82 -20.28 -31.49
C CYS B 68 -6.65 -21.42 -32.47
N THR B 69 -6.16 -22.55 -31.97
CA THR B 69 -5.93 -23.75 -32.76
C THR B 69 -6.01 -25.01 -31.89
N VAL B 70 -6.66 -26.05 -32.42
CA VAL B 70 -6.94 -27.27 -31.66
C VAL B 70 -6.05 -28.43 -32.14
N TYR B 71 -5.78 -29.37 -31.23
CA TYR B 71 -5.06 -30.60 -31.53
C TYR B 71 -6.01 -31.74 -31.15
N ARG B 72 -6.55 -32.42 -32.16
CA ARG B 72 -7.68 -33.35 -31.96
C ARG B 72 -7.30 -34.69 -31.32
N GLY B 73 -6.10 -35.19 -31.62
CA GLY B 73 -5.60 -36.44 -31.03
C GLY B 73 -4.76 -37.25 -32.00
N ASP B 74 -4.87 -38.58 -31.90
CA ASP B 74 -4.21 -39.51 -32.82
C ASP B 74 -5.04 -39.79 -34.08
N ASP B 75 -6.26 -39.23 -34.15
CA ASP B 75 -7.14 -39.40 -35.33
C ASP B 75 -6.58 -38.74 -36.59
N SER B 76 -5.73 -37.72 -36.42
CA SER B 76 -4.86 -37.19 -37.48
C SER B 76 -5.60 -36.62 -38.70
N GLN B 77 -6.61 -35.79 -38.43
CA GLN B 77 -7.25 -34.96 -39.46
C GLN B 77 -6.35 -33.77 -39.77
N VAL B 78 -5.85 -33.13 -38.71
CA VAL B 78 -4.87 -32.03 -38.79
C VAL B 78 -5.45 -30.84 -39.56
N SER B 79 -6.50 -30.22 -38.97
CA SER B 79 -7.19 -29.08 -39.58
C SER B 79 -7.47 -27.97 -38.57
N ARG B 80 -7.89 -26.83 -39.11
CA ARG B 80 -8.38 -25.67 -38.36
C ARG B 80 -9.54 -26.04 -37.40
N PRO B 81 -9.72 -25.27 -36.30
CA PRO B 81 -10.85 -25.52 -35.38
C PRO B 81 -12.22 -25.44 -36.06
N THR B 82 -13.08 -26.40 -35.75
CA THR B 82 -14.42 -26.45 -36.31
C THR B 82 -15.32 -25.41 -35.63
N LEU B 83 -16.48 -25.18 -36.24
CA LEU B 83 -17.50 -24.27 -35.72
C LEU B 83 -17.95 -24.68 -34.32
N GLU B 84 -18.14 -25.98 -34.12
CA GLU B 84 -18.62 -26.55 -32.85
C GLU B 84 -17.61 -26.26 -31.73
N GLU B 85 -16.34 -26.44 -32.06
CA GLU B 85 -15.23 -26.27 -31.12
C GLU B 85 -14.94 -24.79 -30.81
N LEU B 86 -15.14 -23.92 -31.80
CA LEU B 86 -15.07 -22.47 -31.57
C LEU B 86 -16.21 -21.96 -30.67
N GLU B 87 -17.40 -22.55 -30.81
CA GLU B 87 -18.52 -22.21 -29.93
C GLU B 87 -18.33 -22.72 -28.50
N THR B 88 -17.57 -23.80 -28.35
CA THR B 88 -17.15 -24.27 -27.02
C THR B 88 -16.26 -23.25 -26.34
N LEU B 89 -15.28 -22.75 -27.09
CA LEU B 89 -14.35 -21.71 -26.63
C LEU B 89 -15.05 -20.40 -26.27
N HIS B 90 -16.05 -20.01 -27.08
CA HIS B 90 -16.89 -18.84 -26.81
C HIS B 90 -17.59 -18.93 -25.44
N LYS B 91 -18.14 -20.10 -25.14
CA LYS B 91 -18.86 -20.35 -23.88
C LYS B 91 -17.91 -20.44 -22.66
N TYR B 92 -16.75 -21.07 -22.86
CA TYR B 92 -15.70 -21.15 -21.84
C TYR B 92 -15.29 -19.76 -21.33
N PHE B 93 -15.16 -18.80 -22.26
CA PHE B 93 -14.83 -17.41 -21.93
C PHE B 93 -16.04 -16.50 -21.65
N GLN B 94 -17.27 -17.04 -21.75
CA GLN B 94 -18.50 -16.30 -21.44
C GLN B 94 -18.58 -14.93 -22.13
N LEU B 95 -18.28 -14.91 -23.43
CA LEU B 95 -18.19 -13.68 -24.21
C LEU B 95 -19.54 -13.00 -24.49
N ASP B 96 -20.66 -13.68 -24.21
CA ASP B 96 -21.99 -13.02 -24.16
C ASP B 96 -22.04 -11.90 -23.12
N VAL B 97 -21.27 -12.05 -22.03
CA VAL B 97 -21.24 -11.07 -20.95
C VAL B 97 -20.37 -9.88 -21.35
N SER B 98 -20.95 -8.68 -21.30
CA SER B 98 -20.24 -7.44 -21.57
C SER B 98 -19.42 -7.01 -20.37
N LEU B 99 -18.11 -7.14 -20.49
CA LEU B 99 -17.20 -6.70 -19.45
C LEU B 99 -17.09 -5.18 -19.38
N ALA B 100 -17.33 -4.48 -20.49
CA ALA B 100 -17.36 -3.01 -20.51
C ALA B 100 -18.48 -2.45 -19.62
N GLN B 101 -19.67 -3.05 -19.71
CA GLN B 101 -20.82 -2.65 -18.87
C GLN B 101 -20.62 -2.97 -17.39
N LEU B 102 -19.94 -4.07 -17.09
CA LEU B 102 -19.67 -4.46 -15.69
C LEU B 102 -18.64 -3.55 -15.01
N TYR B 103 -17.49 -3.34 -15.66
CA TYR B 103 -16.44 -2.42 -15.15
C TYR B 103 -17.01 -1.01 -14.95
N SER B 104 -17.91 -0.61 -15.84
CA SER B 104 -18.58 0.67 -15.75
C SER B 104 -19.46 0.76 -14.50
N HIS B 105 -20.25 -0.27 -14.23
CA HIS B 105 -21.15 -0.27 -13.06
C HIS B 105 -20.37 -0.29 -11.74
N TRP B 106 -19.33 -1.12 -11.68
CA TRP B 106 -18.52 -1.27 -10.47
C TRP B 106 -17.75 0.00 -10.14
N ALA B 107 -17.16 0.62 -11.16
CA ALA B 107 -16.47 1.91 -11.01
C ALA B 107 -17.38 3.03 -10.46
N SER B 108 -18.65 3.02 -10.85
CA SER B 108 -19.61 4.03 -10.40
C SER B 108 -20.03 3.87 -8.93
N VAL B 109 -19.89 2.67 -8.38
CA VAL B 109 -20.26 2.39 -6.99
C VAL B 109 -19.06 2.19 -6.06
N ASP B 110 -17.85 2.17 -6.61
CA ASP B 110 -16.64 1.84 -5.87
C ASP B 110 -15.46 2.62 -6.45
N SER B 111 -14.97 3.61 -5.69
CA SER B 111 -13.82 4.42 -6.10
C SER B 111 -12.51 3.62 -6.15
N HIS B 112 -12.29 2.75 -5.17
CA HIS B 112 -11.10 1.88 -5.15
C HIS B 112 -11.03 0.99 -6.40
N PHE B 113 -12.19 0.49 -6.83
CA PHE B 113 -12.27 -0.30 -8.05
C PHE B 113 -11.90 0.52 -9.28
N GLN B 114 -12.41 1.75 -9.35
CA GLN B 114 -12.13 2.68 -10.45
C GLN B 114 -10.63 2.93 -10.65
N ARG B 115 -9.88 3.04 -9.55
CA ARG B 115 -8.42 3.25 -9.62
C ARG B 115 -7.71 1.98 -10.08
N VAL B 116 -8.03 0.86 -9.45
CA VAL B 116 -7.41 -0.43 -9.74
C VAL B 116 -7.71 -0.92 -11.18
N ALA B 117 -8.94 -0.72 -11.63
CA ALA B 117 -9.41 -1.24 -12.93
C ALA B 117 -8.69 -0.72 -14.18
N GLN B 118 -8.15 0.49 -14.11
CA GLN B 118 -7.50 1.13 -15.27
C GLN B 118 -6.36 0.30 -15.86
N LYS B 119 -5.53 -0.26 -14.99
CA LYS B 119 -4.38 -1.06 -15.42
C LYS B 119 -4.66 -2.54 -15.60
N PHE B 120 -5.85 -3.02 -15.20
CA PHE B 120 -6.20 -4.45 -15.27
C PHE B 120 -7.53 -4.66 -16.00
N GLN B 121 -7.49 -4.40 -17.30
CA GLN B 121 -8.65 -4.54 -18.19
C GLN B 121 -8.77 -5.99 -18.60
N GLY B 122 -9.96 -6.39 -19.04
CA GLY B 122 -10.16 -7.70 -19.66
C GLY B 122 -10.04 -8.91 -18.75
N VAL B 123 -10.41 -8.74 -17.48
CA VAL B 123 -10.46 -9.84 -16.53
C VAL B 123 -11.90 -10.33 -16.40
N ARG B 124 -12.13 -11.58 -16.79
CA ARG B 124 -13.45 -12.21 -16.78
C ARG B 124 -13.34 -13.60 -16.15
N LEU B 125 -14.49 -14.17 -15.80
CA LEU B 125 -14.55 -15.52 -15.23
C LEU B 125 -14.66 -16.54 -16.35
N LEU B 126 -13.92 -17.65 -16.22
CA LEU B 126 -14.06 -18.77 -17.11
C LEU B 126 -15.24 -19.59 -16.62
N ARG B 127 -15.89 -20.29 -17.55
CA ARG B 127 -16.97 -21.21 -17.23
C ARG B 127 -16.40 -22.61 -17.34
N GLN B 128 -16.00 -23.17 -16.19
CA GLN B 128 -15.25 -24.43 -16.15
C GLN B 128 -16.17 -25.63 -15.96
N ASP B 129 -15.67 -26.79 -16.37
CA ASP B 129 -16.29 -28.07 -16.06
C ASP B 129 -16.44 -28.21 -14.53
N PRO B 130 -17.65 -28.50 -14.02
CA PRO B 130 -17.83 -28.63 -12.57
C PRO B 130 -16.90 -29.65 -11.89
N THR B 131 -16.70 -30.80 -12.54
CA THR B 131 -15.82 -31.84 -12.00
C THR B 131 -14.39 -31.32 -11.86
N GLU B 132 -13.80 -30.87 -12.97
CA GLU B 132 -12.43 -30.30 -12.94
C GLU B 132 -12.30 -29.16 -11.91
N CYS B 133 -13.33 -28.34 -11.79
CA CYS B 133 -13.32 -27.22 -10.87
C CYS B 133 -13.35 -27.68 -9.42
N LEU B 134 -14.23 -28.62 -9.10
CA LEU B 134 -14.36 -29.14 -7.74
C LEU B 134 -13.03 -29.68 -7.22
N PHE B 135 -12.41 -30.60 -7.96
CA PHE B 135 -11.18 -31.27 -7.51
C PHE B 135 -9.92 -30.43 -7.61
N SER B 136 -9.90 -29.44 -8.49
CA SER B 136 -8.80 -28.46 -8.53
C SER B 136 -8.80 -27.57 -7.28
N PHE B 137 -9.99 -27.22 -6.79
CA PHE B 137 -10.13 -26.35 -5.62
C PHE B 137 -10.17 -27.08 -4.27
N ILE B 138 -10.32 -28.41 -4.29
CA ILE B 138 -9.97 -29.22 -3.12
C ILE B 138 -8.45 -29.16 -2.95
N CYS B 139 -7.71 -29.23 -4.05
CA CYS B 139 -6.25 -29.05 -4.03
C CYS B 139 -5.79 -27.62 -3.68
N SER B 140 -6.72 -26.67 -3.68
CA SER B 140 -6.44 -25.25 -3.36
C SER B 140 -6.07 -24.96 -1.90
N SER B 141 -6.49 -25.82 -0.97
CA SER B 141 -6.32 -25.60 0.47
C SER B 141 -4.87 -25.29 0.89
N ASN B 142 -4.66 -24.14 1.53
CA ASN B 142 -3.34 -23.70 2.06
C ASN B 142 -2.24 -23.75 1.01
N ASN B 143 -2.53 -23.23 -0.16
CA ASN B 143 -1.71 -23.47 -1.34
C ASN B 143 -1.62 -22.20 -2.20
N ASN B 144 -0.56 -22.13 -3.03
CA ASN B 144 -0.39 -21.04 -4.00
C ASN B 144 -0.54 -21.56 -5.44
N ILE B 145 -0.58 -20.65 -6.41
CA ILE B 145 -0.88 -21.01 -7.81
C ILE B 145 0.08 -22.08 -8.32
N ALA B 146 1.38 -21.82 -8.16
CA ALA B 146 2.45 -22.72 -8.63
C ALA B 146 2.25 -24.17 -8.18
N ARG B 147 2.10 -24.36 -6.87
CA ARG B 147 1.99 -25.71 -6.30
C ARG B 147 0.66 -26.40 -6.60
N ILE B 148 -0.42 -25.65 -6.77
CA ILE B 148 -1.73 -26.23 -7.17
C ILE B 148 -1.64 -26.79 -8.59
N THR B 149 -1.00 -26.04 -9.48
CA THR B 149 -0.75 -26.50 -10.86
C THR B 149 -0.05 -27.85 -10.88
N GLY B 150 1.05 -27.95 -10.12
CA GLY B 150 1.81 -29.20 -9.96
C GLY B 150 0.96 -30.39 -9.57
N MET B 151 0.10 -30.20 -8.58
CA MET B 151 -0.78 -31.28 -8.09
C MET B 151 -1.80 -31.73 -9.13
N VAL B 152 -2.48 -30.75 -9.74
CA VAL B 152 -3.52 -31.02 -10.74
C VAL B 152 -2.89 -31.69 -11.98
N GLU B 153 -1.71 -31.24 -12.39
CA GLU B 153 -0.97 -31.83 -13.51
C GLU B 153 -0.65 -33.31 -13.29
N ARG B 154 -0.04 -33.62 -12.15
CA ARG B 154 0.28 -35.00 -11.78
C ARG B 154 -0.98 -35.84 -11.50
N LEU B 155 -2.00 -35.21 -10.93
CA LEU B 155 -3.29 -35.88 -10.72
C LEU B 155 -3.92 -36.32 -12.06
N CYS B 156 -3.83 -35.46 -13.08
CA CYS B 156 -4.34 -35.78 -14.42
C CYS B 156 -3.49 -36.83 -15.14
N GLN B 157 -2.17 -36.72 -14.99
CA GLN B 157 -1.22 -37.74 -15.50
C GLN B 157 -1.56 -39.13 -14.95
N ALA B 158 -1.79 -39.21 -13.65
CA ALA B 158 -2.03 -40.49 -12.96
C ALA B 158 -3.38 -41.13 -13.29
N PHE B 159 -4.46 -40.35 -13.23
CA PHE B 159 -5.83 -40.88 -13.34
C PHE B 159 -6.59 -40.49 -14.62
N GLY B 160 -6.04 -39.56 -15.39
CA GLY B 160 -6.73 -39.01 -16.56
C GLY B 160 -6.25 -39.62 -17.87
N PRO B 161 -7.17 -39.82 -18.85
CA PRO B 161 -6.81 -40.33 -20.18
C PRO B 161 -5.66 -39.57 -20.88
N ARG B 162 -4.73 -40.31 -21.48
CA ARG B 162 -3.65 -39.71 -22.26
C ARG B 162 -4.23 -39.15 -23.56
N LEU B 163 -3.74 -37.99 -23.98
CA LEU B 163 -4.26 -37.31 -25.19
C LEU B 163 -3.20 -37.16 -26.28
N ILE B 164 -2.31 -36.18 -26.16
CA ILE B 164 -1.26 -35.92 -27.16
C ILE B 164 0.02 -35.49 -26.46
N GLN B 165 1.17 -35.77 -27.08
CA GLN B 165 2.44 -35.18 -26.68
C GLN B 165 2.82 -34.09 -27.69
N LEU B 166 3.09 -32.89 -27.18
CA LEU B 166 3.62 -31.78 -27.96
C LEU B 166 4.92 -31.33 -27.27
N ASP B 167 6.05 -31.47 -27.96
CA ASP B 167 7.39 -31.22 -27.39
C ASP B 167 7.63 -32.11 -26.12
N ASP B 168 7.97 -31.51 -24.98
CA ASP B 168 8.17 -32.26 -23.73
C ASP B 168 6.88 -32.44 -22.92
N VAL B 169 5.86 -31.63 -23.23
CA VAL B 169 4.60 -31.63 -22.47
C VAL B 169 3.71 -32.73 -23.03
N THR B 170 3.07 -33.47 -22.12
CA THR B 170 2.26 -34.64 -22.46
C THR B 170 0.89 -34.51 -21.80
N TYR B 171 -0.09 -34.06 -22.58
CA TYR B 171 -1.36 -33.63 -22.03
C TYR B 171 -2.30 -34.79 -21.69
N HIS B 172 -2.95 -34.68 -20.54
CA HIS B 172 -3.95 -35.65 -20.10
C HIS B 172 -5.27 -34.92 -19.86
N GLY B 173 -6.38 -35.56 -20.21
CA GLY B 173 -7.71 -35.05 -19.87
C GLY B 173 -7.96 -35.18 -18.38
N PHE B 174 -8.94 -34.45 -17.86
CA PHE B 174 -9.21 -34.48 -16.42
C PHE B 174 -9.99 -35.76 -16.08
N PRO B 175 -9.56 -36.49 -15.02
CA PRO B 175 -10.22 -37.77 -14.70
C PRO B 175 -11.70 -37.65 -14.35
N ASN B 176 -12.44 -38.72 -14.63
CA ASN B 176 -13.85 -38.81 -14.21
C ASN B 176 -13.92 -39.30 -12.75
N LEU B 177 -15.13 -39.36 -12.21
CA LEU B 177 -15.35 -39.77 -10.82
C LEU B 177 -15.00 -41.23 -10.52
N HIS B 178 -15.23 -42.11 -11.50
CA HIS B 178 -14.95 -43.55 -11.36
C HIS B 178 -13.48 -43.83 -11.05
N ALA B 179 -12.59 -43.14 -11.74
CA ALA B 179 -11.13 -43.30 -11.55
C ALA B 179 -10.66 -42.75 -10.20
N LEU B 180 -11.16 -41.57 -9.81
CA LEU B 180 -10.74 -40.90 -8.58
C LEU B 180 -11.29 -41.52 -7.30
N ALA B 181 -12.41 -42.24 -7.40
CA ALA B 181 -13.00 -42.95 -6.25
C ALA B 181 -12.40 -44.35 -5.99
N GLY B 182 -11.43 -44.77 -6.81
CA GLY B 182 -10.87 -46.13 -6.77
C GLY B 182 -10.03 -46.48 -5.56
N PRO B 183 -9.54 -47.74 -5.48
CA PRO B 183 -8.93 -48.30 -4.27
C PRO B 183 -7.59 -47.67 -3.88
N GLU B 184 -6.62 -47.66 -4.80
CA GLU B 184 -5.31 -47.04 -4.57
C GLU B 184 -5.28 -45.60 -5.09
N ALA B 185 -6.35 -44.85 -4.84
CA ALA B 185 -6.42 -43.45 -5.24
C ALA B 185 -5.63 -42.61 -4.24
N GLU B 186 -5.99 -42.74 -2.97
CA GLU B 186 -5.37 -41.95 -1.90
C GLU B 186 -3.89 -42.25 -1.73
N THR B 187 -3.50 -43.53 -1.82
CA THR B 187 -2.10 -43.93 -1.70
C THR B 187 -1.25 -43.38 -2.85
N HIS B 188 -1.76 -43.48 -4.07
CA HIS B 188 -1.10 -42.90 -5.25
C HIS B 188 -1.06 -41.37 -5.11
N LEU B 189 -2.21 -40.76 -4.84
CA LEU B 189 -2.31 -39.29 -4.70
C LEU B 189 -1.43 -38.72 -3.58
N ARG B 190 -1.26 -39.45 -2.48
CA ARG B 190 -0.31 -39.08 -1.42
C ARG B 190 1.14 -39.17 -1.90
N LYS B 191 1.48 -40.20 -2.66
CA LYS B 191 2.79 -40.31 -3.28
C LYS B 191 3.05 -39.18 -4.29
N LEU B 192 1.98 -38.76 -4.98
CA LEU B 192 2.04 -37.62 -5.91
C LEU B 192 2.18 -36.24 -5.22
N GLY B 193 2.06 -36.19 -3.90
CA GLY B 193 2.44 -35.02 -3.12
C GLY B 193 1.31 -34.10 -2.71
N LEU B 194 0.07 -34.58 -2.81
CA LEU B 194 -1.11 -33.80 -2.41
C LEU B 194 -1.24 -33.66 -0.90
N GLY B 195 -0.65 -34.58 -0.14
CA GLY B 195 -0.78 -34.59 1.31
C GLY B 195 -2.20 -34.94 1.74
N TYR B 196 -2.72 -34.16 2.69
CA TYR B 196 -4.09 -34.37 3.23
C TYR B 196 -5.21 -34.22 2.20
N ARG B 197 -4.96 -33.41 1.17
CA ARG B 197 -5.90 -33.19 0.07
C ARG B 197 -6.30 -34.50 -0.62
N ALA B 198 -5.33 -35.40 -0.77
CA ALA B 198 -5.54 -36.74 -1.33
C ALA B 198 -6.74 -37.49 -0.72
N ARG B 199 -6.96 -37.32 0.59
CA ARG B 199 -8.13 -37.91 1.25
C ARG B 199 -9.43 -37.33 0.68
N TYR B 200 -9.51 -36.00 0.66
CA TYR B 200 -10.73 -35.28 0.28
C TYR B 200 -11.15 -35.54 -1.17
N VAL B 201 -10.16 -35.72 -2.06
CA VAL B 201 -10.43 -36.03 -3.47
C VAL B 201 -11.18 -37.37 -3.60
N ARG B 202 -10.57 -38.43 -3.08
CA ARG B 202 -11.17 -39.77 -3.13
C ARG B 202 -12.52 -39.82 -2.43
N ALA B 203 -12.60 -39.18 -1.26
CA ALA B 203 -13.84 -39.19 -0.46
C ALA B 203 -15.00 -38.50 -1.17
N SER B 204 -14.71 -37.34 -1.76
CA SER B 204 -15.72 -36.58 -2.53
C SER B 204 -16.09 -37.33 -3.81
N ALA B 205 -15.08 -37.80 -4.54
CA ALA B 205 -15.30 -38.61 -5.76
C ALA B 205 -16.18 -39.83 -5.48
N LYS B 206 -15.89 -40.51 -4.38
CA LYS B 206 -16.69 -41.64 -3.91
C LYS B 206 -18.11 -41.23 -3.52
N ALA B 207 -18.23 -40.09 -2.82
CA ALA B 207 -19.53 -39.59 -2.35
C ALA B 207 -20.52 -39.25 -3.48
N ILE B 208 -20.01 -38.61 -4.54
CA ILE B 208 -20.86 -38.14 -5.65
C ILE B 208 -21.49 -39.30 -6.41
N LEU B 209 -20.70 -40.33 -6.70
CA LEU B 209 -21.19 -41.52 -7.40
C LEU B 209 -22.27 -42.26 -6.61
N GLU B 210 -21.94 -42.64 -5.38
CA GLU B 210 -22.81 -43.49 -4.58
C GLU B 210 -24.02 -42.74 -4.02
N GLU B 211 -23.75 -41.73 -3.20
CA GLU B 211 -24.79 -41.06 -2.40
C GLU B 211 -25.62 -40.01 -3.15
N GLN B 212 -25.20 -39.61 -4.35
CA GLN B 212 -25.85 -38.54 -5.12
C GLN B 212 -26.38 -38.92 -6.52
N GLY B 213 -26.05 -40.12 -7.03
CA GLY B 213 -26.57 -40.58 -8.32
C GLY B 213 -25.84 -40.05 -9.55
N GLY B 214 -24.51 -40.11 -9.52
CA GLY B 214 -23.68 -39.87 -10.71
C GLY B 214 -23.20 -38.44 -10.92
N PRO B 215 -22.48 -38.19 -12.04
CA PRO B 215 -21.99 -36.85 -12.38
C PRO B 215 -23.08 -35.85 -12.79
N ALA B 216 -24.28 -36.34 -13.14
CA ALA B 216 -25.44 -35.48 -13.42
C ALA B 216 -25.93 -34.67 -12.20
N TRP B 217 -25.50 -35.04 -10.99
CA TRP B 217 -25.75 -34.25 -9.79
C TRP B 217 -25.11 -32.86 -9.85
N LEU B 218 -23.89 -32.79 -10.36
CA LEU B 218 -23.19 -31.50 -10.56
C LEU B 218 -23.90 -30.62 -11.59
N GLN B 219 -24.38 -31.24 -12.68
CA GLN B 219 -25.15 -30.52 -13.71
C GLN B 219 -26.48 -29.98 -13.17
N GLN B 220 -27.08 -30.67 -12.19
CA GLN B 220 -28.26 -30.16 -11.47
C GLN B 220 -27.94 -28.87 -10.69
N LEU B 221 -26.76 -28.82 -10.07
CA LEU B 221 -26.35 -27.64 -9.30
C LEU B 221 -26.07 -26.41 -10.18
N ARG B 222 -25.58 -26.65 -11.40
CA ARG B 222 -25.42 -25.59 -12.40
C ARG B 222 -26.73 -24.85 -12.75
N VAL B 223 -27.86 -25.56 -12.70
CA VAL B 223 -29.19 -24.94 -12.93
C VAL B 223 -29.98 -24.68 -11.64
N ALA B 224 -29.52 -25.20 -10.50
CA ALA B 224 -30.12 -24.94 -9.20
C ALA B 224 -29.84 -23.51 -8.73
N PRO B 225 -30.67 -22.97 -7.81
CA PRO B 225 -30.35 -21.66 -7.24
C PRO B 225 -29.08 -21.67 -6.38
N TYR B 226 -28.45 -20.49 -6.26
CA TYR B 226 -27.16 -20.32 -5.56
C TYR B 226 -27.14 -20.89 -4.14
N GLU B 227 -28.11 -20.49 -3.31
CA GLU B 227 -28.15 -20.90 -1.89
C GLU B 227 -28.30 -22.42 -1.71
N GLU B 228 -29.06 -23.05 -2.62
CA GLU B 228 -29.28 -24.49 -2.63
C GLU B 228 -28.02 -25.26 -3.03
N ALA B 229 -27.33 -24.77 -4.06
CA ALA B 229 -26.13 -25.44 -4.60
C ALA B 229 -24.95 -25.37 -3.63
N HIS B 230 -24.68 -24.17 -3.10
CA HIS B 230 -23.59 -23.95 -2.14
C HIS B 230 -23.75 -24.85 -0.92
N LYS B 231 -24.98 -24.94 -0.41
CA LYS B 231 -25.34 -25.83 0.69
C LYS B 231 -25.04 -27.29 0.35
N ALA B 232 -25.45 -27.71 -0.85
CA ALA B 232 -25.25 -29.08 -1.33
C ALA B 232 -23.77 -29.43 -1.49
N LEU B 233 -22.98 -28.52 -2.06
CA LEU B 233 -21.52 -28.71 -2.19
C LEU B 233 -20.80 -28.81 -0.84
N CYS B 234 -21.32 -28.12 0.18
CA CYS B 234 -20.75 -28.16 1.53
C CYS B 234 -20.89 -29.52 2.25
N THR B 235 -21.78 -30.38 1.78
CA THR B 235 -21.91 -31.75 2.34
C THR B 235 -20.74 -32.66 1.96
N LEU B 236 -20.02 -32.31 0.90
CA LEU B 236 -18.90 -33.14 0.43
C LEU B 236 -17.68 -33.02 1.34
N PRO B 237 -16.85 -34.08 1.43
CA PRO B 237 -15.58 -34.05 2.12
C PRO B 237 -14.60 -32.99 1.62
N GLY B 238 -14.10 -32.16 2.54
CA GLY B 238 -13.09 -31.15 2.23
C GLY B 238 -13.57 -29.95 1.44
N VAL B 239 -14.88 -29.72 1.41
CA VAL B 239 -15.46 -28.57 0.74
C VAL B 239 -16.21 -27.77 1.80
N GLY B 240 -15.62 -26.64 2.18
CA GLY B 240 -16.28 -25.67 3.06
C GLY B 240 -16.90 -24.55 2.25
N ALA B 241 -17.20 -23.44 2.93
CA ALA B 241 -17.82 -22.28 2.29
C ALA B 241 -17.01 -21.76 1.09
N LYS B 242 -15.70 -21.66 1.27
CA LYS B 242 -14.84 -20.98 0.31
C LYS B 242 -14.67 -21.77 -0.98
N VAL B 243 -14.39 -23.06 -0.86
CA VAL B 243 -14.27 -23.94 -2.02
C VAL B 243 -15.62 -24.05 -2.72
N ALA B 244 -16.69 -24.15 -1.95
CA ALA B 244 -18.06 -24.15 -2.49
C ALA B 244 -18.39 -22.90 -3.31
N ASP B 245 -17.95 -21.73 -2.83
CA ASP B 245 -18.18 -20.47 -3.53
C ASP B 245 -17.37 -20.33 -4.82
N CYS B 246 -16.14 -20.87 -4.83
CA CYS B 246 -15.30 -20.91 -6.05
C CYS B 246 -15.96 -21.71 -7.16
N ILE B 247 -16.42 -22.92 -6.79
CA ILE B 247 -17.08 -23.84 -7.72
C ILE B 247 -18.39 -23.24 -8.22
N CYS B 248 -19.17 -22.68 -7.29
CA CYS B 248 -20.39 -21.94 -7.64
C CYS B 248 -20.12 -20.81 -8.63
N LEU B 249 -19.05 -20.06 -8.40
CA LEU B 249 -18.69 -18.91 -9.23
C LEU B 249 -18.13 -19.31 -10.60
N MET B 250 -17.21 -20.26 -10.60
CA MET B 250 -16.43 -20.58 -11.80
C MET B 250 -16.99 -21.73 -12.63
N ALA B 251 -17.93 -22.49 -12.07
CA ALA B 251 -18.50 -23.66 -12.76
C ALA B 251 -20.03 -23.69 -12.85
N LEU B 252 -20.72 -23.31 -11.79
CA LEU B 252 -22.18 -23.44 -11.72
C LEU B 252 -22.97 -22.17 -12.05
N ASP B 253 -22.34 -21.20 -12.72
CA ASP B 253 -23.02 -20.00 -13.21
C ASP B 253 -23.72 -19.18 -12.11
N LYS B 254 -23.05 -19.02 -10.97
CA LYS B 254 -23.50 -18.12 -9.89
C LYS B 254 -22.51 -16.95 -9.79
N PRO B 255 -22.71 -15.88 -10.61
CA PRO B 255 -21.77 -14.75 -10.59
C PRO B 255 -21.75 -13.94 -9.28
N GLN B 256 -22.78 -14.06 -8.47
CA GLN B 256 -22.87 -13.36 -7.18
C GLN B 256 -22.06 -14.02 -6.05
N ALA B 257 -21.51 -15.20 -6.29
CA ALA B 257 -20.71 -15.92 -5.28
C ALA B 257 -19.36 -15.24 -5.07
N VAL B 258 -19.04 -15.00 -3.80
CA VAL B 258 -17.84 -14.32 -3.36
C VAL B 258 -17.09 -15.29 -2.43
N PRO B 259 -16.06 -15.98 -2.94
CA PRO B 259 -15.27 -16.89 -2.10
C PRO B 259 -14.41 -16.14 -1.08
N VAL B 260 -14.67 -16.38 0.20
CA VAL B 260 -14.03 -15.66 1.30
C VAL B 260 -13.04 -16.55 2.04
N ASP B 261 -11.76 -16.17 1.98
CA ASP B 261 -10.71 -16.66 2.88
C ASP B 261 -9.74 -15.48 3.14
N VAL B 262 -8.47 -15.76 3.45
CA VAL B 262 -7.52 -14.70 3.83
C VAL B 262 -7.28 -13.64 2.74
N HIS B 263 -7.40 -14.03 1.46
CA HIS B 263 -7.01 -13.16 0.36
C HIS B 263 -7.94 -11.95 0.18
N VAL B 264 -9.26 -12.19 0.18
CA VAL B 264 -10.24 -11.10 0.09
C VAL B 264 -10.44 -10.41 1.46
N TRP B 265 -10.27 -11.16 2.55
CA TRP B 265 -10.20 -10.56 3.90
C TRP B 265 -9.16 -9.45 3.98
N GLN B 266 -8.00 -9.71 3.39
CA GLN B 266 -6.90 -8.78 3.38
C GLN B 266 -7.27 -7.54 2.57
N ILE B 267 -7.77 -7.76 1.35
CA ILE B 267 -8.24 -6.66 0.48
C ILE B 267 -9.37 -5.87 1.13
N ALA B 268 -10.29 -6.55 1.80
CA ALA B 268 -11.47 -5.89 2.37
C ALA B 268 -11.08 -4.95 3.49
N HIS B 269 -10.28 -5.46 4.42
CA HIS B 269 -9.81 -4.67 5.55
C HIS B 269 -8.87 -3.54 5.12
N ARG B 270 -7.84 -3.87 4.34
CA ARG B 270 -6.87 -2.85 3.88
C ARG B 270 -7.52 -1.76 3.04
N ASP B 271 -8.19 -2.17 1.96
CA ASP B 271 -8.64 -1.24 0.91
C ASP B 271 -10.07 -0.70 1.08
N TYR B 272 -10.90 -1.38 1.86
CA TYR B 272 -12.26 -0.90 2.15
C TYR B 272 -12.51 -0.53 3.60
N GLY B 273 -11.51 -0.72 4.48
CA GLY B 273 -11.65 -0.40 5.89
C GLY B 273 -12.67 -1.24 6.64
N TRP B 274 -12.85 -2.48 6.19
CA TRP B 274 -13.92 -3.34 6.70
C TRP B 274 -13.49 -4.15 7.91
N HIS B 275 -14.37 -4.19 8.91
CA HIS B 275 -14.26 -5.13 10.03
C HIS B 275 -15.61 -5.82 10.18
N PRO B 276 -15.62 -7.05 10.71
CA PRO B 276 -16.89 -7.74 10.94
C PRO B 276 -17.57 -7.20 12.19
N LYS B 277 -18.91 -7.24 12.20
CA LYS B 277 -19.70 -6.73 13.33
C LYS B 277 -20.18 -7.86 14.25
N THR B 278 -20.11 -7.61 15.56
CA THR B 278 -20.66 -8.51 16.60
C THR B 278 -20.03 -9.92 16.60
N SER B 279 -18.78 -10.02 16.19
CA SER B 279 -18.07 -11.30 16.14
C SER B 279 -17.38 -11.60 17.48
N GLN B 280 -17.17 -12.89 17.76
CA GLN B 280 -16.57 -13.33 19.03
C GLN B 280 -15.09 -12.95 19.11
N ALA B 281 -14.37 -13.12 17.99
CA ALA B 281 -13.05 -12.53 17.78
C ALA B 281 -13.21 -11.32 16.85
N LYS B 282 -12.09 -10.75 16.40
CA LYS B 282 -12.09 -9.74 15.33
C LYS B 282 -11.35 -10.27 14.07
N GLY B 283 -11.43 -11.58 13.85
CA GLY B 283 -10.75 -12.26 12.73
C GLY B 283 -11.66 -13.27 12.04
N PRO B 284 -11.11 -14.07 11.10
CA PRO B 284 -11.89 -15.07 10.34
C PRO B 284 -12.64 -16.14 11.16
N SER B 285 -13.97 -16.11 11.07
CA SER B 285 -14.86 -17.15 11.61
C SER B 285 -15.92 -17.46 10.54
N PRO B 286 -16.69 -18.56 10.71
CA PRO B 286 -17.70 -18.90 9.68
C PRO B 286 -18.73 -17.81 9.40
N LEU B 287 -19.19 -17.11 10.45
CA LEU B 287 -20.22 -16.06 10.32
C LEU B 287 -19.67 -14.78 9.69
N ALA B 288 -18.49 -14.36 10.15
CA ALA B 288 -17.81 -13.20 9.59
C ALA B 288 -17.45 -13.40 8.10
N ASN B 289 -16.99 -14.61 7.76
CA ASN B 289 -16.71 -14.95 6.36
C ASN B 289 -17.98 -14.79 5.51
N LYS B 290 -19.08 -15.35 6.01
CA LYS B 290 -20.39 -15.24 5.35
C LYS B 290 -20.86 -13.80 5.25
N GLU B 291 -20.65 -13.04 6.31
CA GLU B 291 -20.96 -11.60 6.34
C GLU B 291 -20.16 -10.79 5.29
N LEU B 292 -18.91 -11.19 5.05
CA LEU B 292 -18.04 -10.48 4.10
C LEU B 292 -18.48 -10.69 2.65
N GLY B 293 -18.93 -11.90 2.32
CA GLY B 293 -19.57 -12.17 1.03
C GLY B 293 -20.75 -11.27 0.76
N ASN B 294 -21.58 -11.04 1.79
CA ASN B 294 -22.74 -10.15 1.69
C ASN B 294 -22.32 -8.71 1.46
N PHE B 295 -21.26 -8.29 2.14
CA PHE B 295 -20.71 -6.95 1.98
C PHE B 295 -20.37 -6.64 0.51
N PHE B 296 -19.68 -7.57 -0.15
CA PHE B 296 -19.28 -7.36 -1.56
C PHE B 296 -20.44 -7.50 -2.54
N ARG B 297 -21.40 -8.38 -2.23
CA ARG B 297 -22.66 -8.43 -2.99
C ARG B 297 -23.43 -7.13 -2.87
N ASN B 298 -23.49 -6.57 -1.66
CA ASN B 298 -24.15 -5.27 -1.44
C ASN B 298 -23.45 -4.15 -2.21
N LEU B 299 -22.13 -4.21 -2.29
CA LEU B 299 -21.34 -3.18 -2.96
C LEU B 299 -21.38 -3.31 -4.49
N TRP B 300 -21.08 -4.50 -4.98
CA TRP B 300 -20.88 -4.70 -6.42
C TRP B 300 -22.10 -5.21 -7.17
N GLY B 301 -23.04 -5.83 -6.46
CA GLY B 301 -24.27 -6.33 -7.06
C GLY B 301 -24.16 -7.79 -7.46
N PRO B 302 -24.98 -8.22 -8.46
CA PRO B 302 -25.13 -9.65 -8.79
C PRO B 302 -23.92 -10.32 -9.48
N TYR B 303 -22.96 -9.54 -9.96
CA TYR B 303 -21.70 -10.09 -10.48
C TYR B 303 -20.51 -9.80 -9.54
N ALA B 304 -20.75 -9.85 -8.22
CA ALA B 304 -19.73 -9.53 -7.21
C ALA B 304 -18.47 -10.35 -7.37
N GLY B 305 -18.63 -11.67 -7.49
CA GLY B 305 -17.53 -12.59 -7.77
C GLY B 305 -16.63 -12.20 -8.94
N TRP B 306 -17.24 -11.67 -10.00
CA TRP B 306 -16.49 -11.24 -11.18
C TRP B 306 -15.64 -10.02 -10.85
N ALA B 307 -16.20 -9.10 -10.08
CA ALA B 307 -15.46 -7.94 -9.59
C ALA B 307 -14.29 -8.34 -8.68
N GLN B 308 -14.50 -9.36 -7.85
CA GLN B 308 -13.45 -9.93 -7.00
C GLN B 308 -12.27 -10.43 -7.83
N ALA B 309 -12.55 -11.09 -8.95
CA ALA B 309 -11.49 -11.59 -9.83
C ALA B 309 -10.60 -10.47 -10.41
N VAL B 310 -11.15 -9.27 -10.59
CA VAL B 310 -10.37 -8.11 -11.07
C VAL B 310 -9.42 -7.63 -9.96
N LEU B 311 -9.93 -7.49 -8.74
CA LEU B 311 -9.08 -7.16 -7.59
C LEU B 311 -8.00 -8.20 -7.35
N PHE B 312 -8.37 -9.47 -7.42
CA PHE B 312 -7.41 -10.59 -7.26
C PHE B 312 -6.31 -10.57 -8.29
N SER B 313 -6.69 -10.42 -9.56
CA SER B 313 -5.72 -10.30 -10.66
C SER B 313 -4.76 -9.13 -10.43
N ALA B 314 -5.29 -8.00 -9.94
CA ALA B 314 -4.47 -6.83 -9.59
C ALA B 314 -3.59 -7.04 -8.35
N ASP B 315 -4.11 -7.72 -7.33
CA ASP B 315 -3.38 -7.97 -6.08
C ASP B 315 -2.23 -8.98 -6.25
N LEU B 316 -2.32 -9.81 -7.29
CA LEU B 316 -1.25 -10.76 -7.66
C LEU B 316 -0.06 -10.12 -8.38
N ARG B 317 -0.20 -8.86 -8.84
CA ARG B 317 0.84 -8.19 -9.64
C ARG B 317 1.14 -6.78 -9.10
N GLN B 318 1.87 -6.76 -7.98
CA GLN B 318 2.29 -5.53 -7.28
C GLN B 318 1.11 -4.75 -6.72
N GLY C 1 -14.40 45.60 -29.60
CA GLY C 1 -12.93 45.43 -29.42
C GLY C 1 -12.37 44.14 -29.99
N SER C 2 -11.07 43.95 -29.79
CA SER C 2 -10.35 42.79 -30.30
C SER C 2 -10.68 41.51 -29.52
N HIS C 3 -10.47 40.38 -30.19
CA HIS C 3 -10.54 39.06 -29.56
C HIS C 3 -9.31 38.85 -28.65
N MET C 4 -9.56 38.69 -27.35
CA MET C 4 -8.51 38.51 -26.35
C MET C 4 -8.26 37.02 -26.11
N ARG C 5 -6.99 36.64 -26.00
CA ARG C 5 -6.61 35.25 -25.74
C ARG C 5 -6.00 35.13 -24.34
N HIS C 6 -5.95 33.89 -23.84
CA HIS C 6 -5.27 33.56 -22.59
C HIS C 6 -3.75 33.85 -22.73
N ARG C 7 -3.22 34.69 -21.84
CA ARG C 7 -1.81 35.10 -21.90
C ARG C 7 -0.86 34.01 -21.36
N THR C 8 0.42 34.20 -21.65
CA THR C 8 1.52 33.47 -20.99
C THR C 8 2.61 34.47 -20.58
N LEU C 9 3.61 33.96 -19.85
CA LEU C 9 4.74 34.78 -19.40
C LEU C 9 5.67 35.11 -20.56
N SER C 10 5.85 34.15 -21.47
CA SER C 10 6.63 34.35 -22.69
C SER C 10 5.91 35.29 -23.69
N SER C 11 4.63 35.03 -23.95
CA SER C 11 3.87 35.73 -24.99
C SER C 11 3.62 37.22 -24.71
N SER C 12 3.48 37.60 -23.44
CA SER C 12 2.96 38.94 -23.09
C SER C 12 3.69 39.62 -21.89
N PRO C 13 5.03 39.50 -21.83
CA PRO C 13 5.79 39.72 -20.57
C PRO C 13 5.62 41.08 -19.87
N ALA C 14 5.30 42.12 -20.62
CA ALA C 14 5.05 43.46 -20.07
C ALA C 14 3.89 43.50 -19.06
N LEU C 15 2.89 42.63 -19.28
CA LEU C 15 1.68 42.57 -18.44
C LEU C 15 1.78 41.70 -17.18
N TRP C 16 2.94 41.12 -16.89
CA TRP C 16 3.13 40.23 -15.73
C TRP C 16 3.98 40.86 -14.63
N ALA C 17 3.41 40.93 -13.43
CA ALA C 17 4.16 41.23 -12.20
C ALA C 17 4.52 39.91 -11.52
N SER C 18 5.50 39.96 -10.61
CA SER C 18 5.97 38.78 -9.91
C SER C 18 5.95 38.98 -8.40
N ILE C 19 5.67 37.90 -7.67
CA ILE C 19 5.85 37.83 -6.23
C ILE C 19 7.01 36.87 -6.00
N PRO C 20 7.94 37.22 -5.09
CA PRO C 20 8.97 36.23 -4.72
C PRO C 20 8.38 35.05 -3.94
N CYS C 21 8.38 33.86 -4.55
CA CYS C 21 7.78 32.66 -3.96
C CYS C 21 8.45 31.39 -4.47
N PRO C 22 9.21 30.70 -3.58
CA PRO C 22 9.83 29.42 -3.98
C PRO C 22 8.81 28.33 -4.32
N ARG C 23 9.20 27.39 -5.17
CA ARG C 23 8.32 26.27 -5.55
C ARG C 23 8.04 25.32 -4.36
N SER C 24 8.99 25.19 -3.44
CA SER C 24 8.79 24.42 -2.20
C SER C 24 7.80 25.07 -1.22
N GLU C 25 7.55 26.37 -1.37
CA GLU C 25 6.48 27.07 -0.64
C GLU C 25 5.11 26.95 -1.30
N LEU C 26 5.07 26.82 -2.64
CA LEU C 26 3.81 26.71 -3.38
C LEU C 26 3.99 26.02 -4.73
N ARG C 27 3.19 24.97 -4.96
CA ARG C 27 3.10 24.30 -6.25
C ARG C 27 1.66 24.39 -6.72
N LEU C 28 1.44 25.18 -7.77
CA LEU C 28 0.10 25.54 -8.24
C LEU C 28 -0.67 24.33 -8.76
N ASP C 29 0.02 23.46 -9.49
CA ASP C 29 -0.57 22.22 -10.01
C ASP C 29 -1.16 21.31 -8.93
N LEU C 30 -0.56 21.32 -7.74
CA LEU C 30 -1.07 20.58 -6.59
C LEU C 30 -2.18 21.31 -5.83
N VAL C 31 -2.10 22.65 -5.73
CA VAL C 31 -3.03 23.44 -4.90
C VAL C 31 -4.34 23.82 -5.61
N LEU C 32 -4.27 24.17 -6.89
CA LEU C 32 -5.45 24.61 -7.65
C LEU C 32 -6.24 23.45 -8.29
N ALA C 33 -5.79 22.21 -8.10
CA ALA C 33 -6.49 21.02 -8.58
C ALA C 33 -6.72 19.96 -7.50
N SER C 34 -6.55 20.32 -6.22
CA SER C 34 -6.72 19.36 -5.10
C SER C 34 -8.08 19.44 -4.40
N GLY C 35 -9.07 20.07 -5.04
CA GLY C 35 -10.41 20.19 -4.47
C GLY C 35 -10.54 21.13 -3.29
N GLN C 36 -9.78 22.23 -3.31
CA GLN C 36 -10.04 23.38 -2.44
C GLN C 36 -10.95 24.35 -3.18
N SER C 37 -10.47 24.81 -4.34
CA SER C 37 -11.23 25.63 -5.26
C SER C 37 -11.56 24.81 -6.51
N PHE C 38 -12.59 25.21 -7.22
CA PHE C 38 -13.03 24.53 -8.46
C PHE C 38 -13.09 25.50 -9.66
N ARG C 39 -12.41 26.64 -9.54
CA ARG C 39 -12.49 27.74 -10.52
C ARG C 39 -11.30 27.86 -11.46
N TRP C 40 -10.19 27.20 -11.13
CA TRP C 40 -8.95 27.29 -11.91
C TRP C 40 -8.86 26.14 -12.91
N LYS C 41 -8.41 26.47 -14.12
CA LYS C 41 -8.06 25.47 -15.15
C LYS C 41 -6.74 25.84 -15.83
N GLU C 42 -5.96 24.83 -16.17
CA GLU C 42 -4.69 24.99 -16.85
C GLU C 42 -4.94 25.13 -18.36
N GLN C 43 -5.32 26.34 -18.78
CA GLN C 43 -5.77 26.59 -20.16
C GLN C 43 -4.66 26.44 -21.22
N SER C 44 -3.43 26.73 -20.82
CA SER C 44 -2.24 26.33 -21.56
C SER C 44 -1.21 25.79 -20.55
N PRO C 45 -0.27 24.95 -21.00
CA PRO C 45 0.69 24.30 -20.09
C PRO C 45 1.37 25.24 -19.08
N ALA C 46 1.30 24.86 -17.80
CA ALA C 46 1.85 25.64 -16.67
C ALA C 46 1.24 27.03 -16.46
N HIS C 47 0.02 27.26 -16.96
CA HIS C 47 -0.67 28.55 -16.81
C HIS C 47 -2.13 28.34 -16.36
N TRP C 48 -2.39 28.64 -15.09
CA TRP C 48 -3.69 28.42 -14.47
C TRP C 48 -4.48 29.71 -14.48
N SER C 49 -5.68 29.66 -15.07
CA SER C 49 -6.55 30.83 -15.22
C SER C 49 -7.85 30.62 -14.47
N GLY C 50 -8.35 31.69 -13.86
CA GLY C 50 -9.59 31.62 -13.09
C GLY C 50 -10.01 32.94 -12.49
N VAL C 51 -11.25 33.00 -12.00
CA VAL C 51 -11.80 34.21 -11.41
C VAL C 51 -11.41 34.27 -9.95
N LEU C 52 -10.97 35.45 -9.53
CA LEU C 52 -10.66 35.74 -8.13
C LEU C 52 -11.26 37.11 -7.79
N ALA C 53 -12.35 37.11 -7.01
CA ALA C 53 -13.02 38.33 -6.55
C ALA C 53 -13.45 39.26 -7.70
N ASP C 54 -14.29 38.73 -8.59
CA ASP C 54 -14.81 39.47 -9.76
C ASP C 54 -13.72 40.10 -10.68
N GLN C 55 -12.60 39.39 -10.84
CA GLN C 55 -11.53 39.73 -11.79
C GLN C 55 -10.84 38.42 -12.19
N VAL C 56 -10.63 38.22 -13.49
CA VAL C 56 -9.93 37.03 -13.96
C VAL C 56 -8.42 37.24 -13.81
N TRP C 57 -7.72 36.21 -13.31
CA TRP C 57 -6.26 36.17 -13.24
C TRP C 57 -5.73 34.99 -14.05
N THR C 58 -4.45 35.03 -14.40
CA THR C 58 -3.71 33.84 -14.86
C THR C 58 -2.40 33.74 -14.09
N LEU C 59 -2.10 32.53 -13.59
CA LEU C 59 -0.95 32.29 -12.71
C LEU C 59 0.02 31.28 -13.33
N THR C 60 1.29 31.46 -13.01
CA THR C 60 2.36 30.54 -13.45
C THR C 60 3.57 30.77 -12.54
N GLN C 61 4.59 29.91 -12.64
CA GLN C 61 5.74 30.04 -11.73
C GLN C 61 7.04 29.43 -12.25
N THR C 62 8.15 29.95 -11.70
CA THR C 62 9.48 29.34 -11.81
C THR C 62 9.85 28.83 -10.42
N GLU C 63 11.06 28.28 -10.30
CA GLU C 63 11.58 27.80 -9.01
C GLU C 63 11.59 28.87 -7.92
N ASP C 64 11.80 30.13 -8.31
CA ASP C 64 11.96 31.26 -7.38
C ASP C 64 10.78 32.28 -7.36
N GLN C 65 10.04 32.40 -8.47
CA GLN C 65 9.04 33.47 -8.62
C GLN C 65 7.62 32.96 -8.95
N LEU C 66 6.62 33.62 -8.35
CA LEU C 66 5.20 33.46 -8.71
C LEU C 66 4.80 34.62 -9.61
N TYR C 67 4.64 34.35 -10.91
CA TYR C 67 4.21 35.36 -11.88
C TYR C 67 2.68 35.33 -12.03
N CYS C 68 2.08 36.51 -12.07
CA CYS C 68 0.62 36.66 -12.19
C CYS C 68 0.25 37.81 -13.11
N THR C 69 -0.86 37.64 -13.83
CA THR C 69 -1.44 38.70 -14.67
C THR C 69 -2.93 38.81 -14.40
N VAL C 70 -3.50 39.97 -14.74
CA VAL C 70 -4.91 40.28 -14.49
C VAL C 70 -5.54 40.88 -15.74
N TYR C 71 -6.78 40.44 -16.05
CA TYR C 71 -7.49 40.89 -17.23
C TYR C 71 -8.55 41.90 -16.83
N ARG C 72 -8.35 43.14 -17.26
CA ARG C 72 -9.30 44.23 -17.07
C ARG C 72 -10.17 44.34 -18.32
N GLY C 73 -11.04 45.36 -18.38
CA GLY C 73 -12.01 45.53 -19.47
C GLY C 73 -11.54 45.34 -20.91
N ASP C 74 -10.87 46.37 -21.46
CA ASP C 74 -10.46 46.41 -22.88
C ASP C 74 -8.95 46.51 -23.07
N ASP C 75 -8.50 46.30 -24.31
CA ASP C 75 -7.08 46.36 -24.68
C ASP C 75 -6.58 47.81 -24.64
N VAL C 78 -4.07 48.53 -21.09
CA VAL C 78 -3.64 47.34 -20.36
C VAL C 78 -2.38 47.63 -19.54
N SER C 79 -2.29 47.00 -18.37
CA SER C 79 -1.14 47.18 -17.46
C SER C 79 -0.96 46.01 -16.50
N ARG C 80 0.16 46.03 -15.77
CA ARG C 80 0.48 45.01 -14.77
C ARG C 80 -0.50 45.04 -13.60
N PRO C 81 -0.46 44.02 -12.72
CA PRO C 81 -1.14 44.11 -11.43
C PRO C 81 -0.58 45.24 -10.57
N THR C 82 -1.46 45.89 -9.81
CA THR C 82 -1.06 46.94 -8.87
C THR C 82 -0.44 46.31 -7.62
N LEU C 83 0.04 47.15 -6.71
CA LEU C 83 0.57 46.67 -5.43
C LEU C 83 -0.56 46.18 -4.51
N GLU C 84 -1.74 46.80 -4.62
CA GLU C 84 -2.94 46.35 -3.89
C GLU C 84 -3.48 45.01 -4.39
N GLU C 85 -3.43 44.80 -5.72
CA GLU C 85 -3.84 43.53 -6.32
C GLU C 85 -2.85 42.40 -6.04
N LEU C 86 -1.56 42.73 -6.00
CA LEU C 86 -0.51 41.77 -5.60
C LEU C 86 -0.61 41.35 -4.13
N GLU C 87 -1.15 42.24 -3.28
CA GLU C 87 -1.41 41.91 -1.87
C GLU C 87 -2.64 41.02 -1.69
N THR C 88 -3.65 41.17 -2.56
CA THR C 88 -4.80 40.25 -2.62
C THR C 88 -4.34 38.82 -2.92
N LEU C 89 -3.43 38.68 -3.88
CA LEU C 89 -2.86 37.39 -4.26
C LEU C 89 -1.98 36.80 -3.16
N HIS C 90 -1.25 37.67 -2.46
CA HIS C 90 -0.43 37.26 -1.29
C HIS C 90 -1.30 36.69 -0.16
N LYS C 91 -2.45 37.32 0.09
CA LYS C 91 -3.40 36.86 1.12
C LYS C 91 -4.17 35.60 0.68
N TYR C 92 -4.51 35.52 -0.60
CA TYR C 92 -5.18 34.33 -1.17
C TYR C 92 -4.33 33.06 -1.04
N PHE C 93 -3.00 33.17 -1.21
CA PHE C 93 -2.07 32.05 -0.98
C PHE C 93 -1.48 32.01 0.44
N GLN C 94 -1.88 32.94 1.31
CA GLN C 94 -1.48 32.97 2.72
C GLN C 94 0.02 32.81 2.91
N LEU C 95 0.80 33.56 2.12
CA LEU C 95 2.24 33.33 2.00
C LEU C 95 3.07 33.78 3.23
N ASP C 96 2.44 34.49 4.17
CA ASP C 96 3.01 34.70 5.51
C ASP C 96 3.40 33.39 6.19
N VAL C 97 2.56 32.37 6.03
CA VAL C 97 2.76 31.06 6.66
C VAL C 97 3.91 30.34 5.98
N SER C 98 4.93 29.97 6.77
CA SER C 98 6.07 29.20 6.25
C SER C 98 5.70 27.73 6.16
N LEU C 99 5.62 27.23 4.94
CA LEU C 99 5.30 25.82 4.69
C LEU C 99 6.48 24.91 5.05
N ALA C 100 7.70 25.38 4.85
CA ALA C 100 8.91 24.64 5.24
C ALA C 100 8.97 24.33 6.74
N GLN C 101 8.52 25.28 7.57
CA GLN C 101 8.41 25.08 9.02
C GLN C 101 7.34 24.03 9.36
N LEU C 102 6.16 24.17 8.77
CA LEU C 102 5.06 23.22 9.00
C LEU C 102 5.42 21.80 8.55
N TYR C 103 5.93 21.65 7.33
CA TYR C 103 6.43 20.36 6.84
C TYR C 103 7.50 19.75 7.76
N SER C 104 8.40 20.59 8.25
CA SER C 104 9.45 20.16 9.19
C SER C 104 8.85 19.61 10.49
N HIS C 105 7.87 20.32 11.03
CA HIS C 105 7.13 19.91 12.25
C HIS C 105 6.33 18.62 12.06
N TRP C 106 5.58 18.54 10.97
CA TRP C 106 4.74 17.36 10.70
C TRP C 106 5.60 16.14 10.44
N ALA C 107 6.69 16.30 9.69
CA ALA C 107 7.65 15.21 9.44
C ALA C 107 8.31 14.65 10.71
N SER C 108 8.52 15.52 11.71
CA SER C 108 9.13 15.11 12.98
C SER C 108 8.19 14.26 13.85
N VAL C 109 6.90 14.62 13.89
CA VAL C 109 5.90 13.88 14.69
C VAL C 109 5.16 12.77 13.92
N ASP C 110 5.35 12.69 12.60
CA ASP C 110 4.56 11.78 11.75
C ASP C 110 5.47 11.16 10.70
N SER C 111 5.88 9.91 10.94
CA SER C 111 6.75 9.20 10.02
C SER C 111 6.11 8.95 8.65
N HIS C 112 4.78 8.79 8.61
CA HIS C 112 4.05 8.58 7.34
C HIS C 112 4.07 9.87 6.50
N PHE C 113 3.78 10.99 7.14
CA PHE C 113 3.83 12.29 6.48
C PHE C 113 5.20 12.53 5.84
N GLN C 114 6.26 12.28 6.61
CA GLN C 114 7.64 12.50 6.17
C GLN C 114 7.96 11.81 4.84
N ARG C 115 7.49 10.57 4.66
CA ARG C 115 7.68 9.82 3.41
C ARG C 115 6.78 10.31 2.26
N VAL C 116 5.53 10.65 2.58
CA VAL C 116 4.58 11.17 1.59
C VAL C 116 4.97 12.57 1.11
N ALA C 117 5.34 13.45 2.04
CA ALA C 117 5.66 14.85 1.73
C ALA C 117 6.94 15.10 0.90
N GLN C 118 7.76 14.08 0.68
CA GLN C 118 8.93 14.20 -0.21
C GLN C 118 8.54 14.59 -1.64
N LYS C 119 7.52 13.94 -2.19
CA LYS C 119 7.07 14.20 -3.57
C LYS C 119 5.97 15.26 -3.70
N PHE C 120 5.33 15.62 -2.59
CA PHE C 120 4.20 16.56 -2.60
C PHE C 120 4.49 17.78 -1.74
N GLN C 121 5.39 18.62 -2.26
CA GLN C 121 5.78 19.88 -1.63
C GLN C 121 4.98 21.03 -2.21
N GLY C 122 4.88 22.11 -1.43
CA GLY C 122 4.18 23.30 -1.87
C GLY C 122 2.67 23.14 -1.88
N VAL C 123 2.14 22.34 -0.96
CA VAL C 123 0.72 22.19 -0.81
C VAL C 123 0.33 23.04 0.39
N ARG C 124 -0.37 24.13 0.10
CA ARG C 124 -0.89 25.04 1.10
C ARG C 124 -2.38 25.24 0.86
N LEU C 125 -3.02 25.99 1.75
CA LEU C 125 -4.45 26.23 1.64
C LEU C 125 -4.73 27.64 1.18
N LEU C 126 -5.72 27.74 0.30
CA LEU C 126 -6.17 29.02 -0.23
C LEU C 126 -7.04 29.67 0.84
N ARG C 127 -7.04 31.00 0.86
CA ARG C 127 -7.93 31.77 1.73
C ARG C 127 -9.08 32.26 0.87
N GLN C 128 -10.02 31.35 0.66
CA GLN C 128 -11.15 31.56 -0.25
C GLN C 128 -12.18 32.52 0.32
N ASP C 129 -13.01 33.06 -0.57
CA ASP C 129 -14.14 33.88 -0.19
C ASP C 129 -15.16 32.97 0.53
N PRO C 130 -15.57 33.34 1.77
CA PRO C 130 -16.54 32.55 2.53
C PRO C 130 -17.83 32.22 1.80
N THR C 131 -18.37 33.16 1.03
CA THR C 131 -19.60 32.92 0.24
C THR C 131 -19.35 31.89 -0.86
N GLU C 132 -18.30 32.12 -1.64
CA GLU C 132 -17.89 31.21 -2.72
C GLU C 132 -17.63 29.79 -2.23
N CYS C 133 -16.97 29.68 -1.08
CA CYS C 133 -16.62 28.38 -0.49
C CYS C 133 -17.86 27.61 -0.02
N LEU C 134 -18.78 28.30 0.66
CA LEU C 134 -19.99 27.67 1.24
C LEU C 134 -20.85 26.98 0.20
N PHE C 135 -21.22 27.72 -0.84
CA PHE C 135 -22.11 27.21 -1.89
C PHE C 135 -21.42 26.26 -2.86
N SER C 136 -20.10 26.42 -3.03
CA SER C 136 -19.29 25.43 -3.76
C SER C 136 -19.34 24.07 -3.06
N PHE C 137 -19.21 24.07 -1.73
CA PHE C 137 -19.16 22.83 -0.95
C PHE C 137 -20.51 22.24 -0.55
N ILE C 138 -21.60 22.99 -0.73
CA ILE C 138 -22.94 22.39 -0.73
C ILE C 138 -23.09 21.47 -1.95
N CYS C 139 -22.49 21.86 -3.09
CA CYS C 139 -22.51 21.03 -4.31
C CYS C 139 -21.61 19.75 -4.26
N SER C 140 -20.90 19.53 -3.15
CA SER C 140 -19.95 18.41 -3.00
C SER C 140 -20.54 17.05 -2.61
N SER C 141 -21.71 17.06 -1.96
CA SER C 141 -22.33 15.83 -1.44
C SER C 141 -22.45 14.72 -2.48
N ASN C 142 -21.66 13.65 -2.27
CA ASN C 142 -21.65 12.46 -3.13
C ASN C 142 -21.16 12.75 -4.56
N ASN C 143 -20.19 13.66 -4.68
CA ASN C 143 -19.63 14.05 -5.97
C ASN C 143 -18.11 14.10 -5.92
N ASN C 144 -17.49 13.79 -7.06
CA ASN C 144 -16.04 13.94 -7.25
C ASN C 144 -15.71 15.37 -7.71
N ILE C 145 -14.43 15.63 -8.00
CA ILE C 145 -13.96 16.99 -8.38
C ILE C 145 -14.57 17.46 -9.72
N ALA C 146 -14.62 16.57 -10.70
CA ALA C 146 -15.11 16.91 -12.04
C ALA C 146 -16.57 17.35 -12.02
N ARG C 147 -17.41 16.66 -11.26
CA ARG C 147 -18.83 17.01 -11.14
C ARG C 147 -19.06 18.37 -10.49
N ILE C 148 -18.31 18.66 -9.44
CA ILE C 148 -18.46 19.91 -8.68
C ILE C 148 -17.99 21.11 -9.51
N THR C 149 -16.91 20.92 -10.28
CA THR C 149 -16.40 21.95 -11.20
C THR C 149 -17.42 22.28 -12.30
N GLY C 150 -18.13 21.27 -12.78
CA GLY C 150 -19.23 21.46 -13.74
C GLY C 150 -20.41 22.23 -13.18
N MET C 151 -20.85 21.86 -11.97
CA MET C 151 -21.99 22.50 -11.31
C MET C 151 -21.70 23.94 -10.86
N VAL C 152 -20.48 24.19 -10.36
CA VAL C 152 -20.07 25.53 -9.93
C VAL C 152 -19.96 26.50 -11.13
N GLU C 153 -19.50 25.99 -12.28
CA GLU C 153 -19.38 26.80 -13.50
C GLU C 153 -20.77 27.20 -14.05
N ARG C 154 -21.67 26.22 -14.12
CA ARG C 154 -23.05 26.47 -14.58
C ARG C 154 -23.84 27.34 -13.60
N LEU C 155 -23.55 27.22 -12.31
CA LEU C 155 -24.11 28.11 -11.29
C LEU C 155 -23.60 29.56 -11.47
N CYS C 156 -22.33 29.70 -11.84
CA CYS C 156 -21.75 31.03 -12.13
C CYS C 156 -22.25 31.61 -13.46
N GLN C 157 -22.42 30.77 -14.48
CA GLN C 157 -22.95 31.22 -15.77
C GLN C 157 -24.35 31.82 -15.68
N ALA C 158 -25.23 31.15 -14.93
CA ALA C 158 -26.61 31.60 -14.73
C ALA C 158 -26.69 32.83 -13.81
N PHE C 159 -26.37 32.65 -12.54
CA PHE C 159 -26.60 33.68 -11.50
C PHE C 159 -25.49 34.74 -11.35
N GLY C 160 -24.34 34.52 -11.97
CA GLY C 160 -23.17 35.40 -11.79
C GLY C 160 -23.01 36.45 -12.88
N PRO C 161 -22.41 37.60 -12.55
CA PRO C 161 -22.18 38.65 -13.54
C PRO C 161 -21.08 38.28 -14.52
N ARG C 162 -21.30 38.58 -15.81
CA ARG C 162 -20.31 38.30 -16.86
C ARG C 162 -19.14 39.27 -16.73
N LEU C 163 -17.92 38.73 -16.77
CA LEU C 163 -16.70 39.54 -16.63
C LEU C 163 -16.05 39.80 -17.98
N ILE C 164 -15.68 38.74 -18.69
CA ILE C 164 -14.80 38.84 -19.85
C ILE C 164 -14.73 37.50 -20.59
N GLN C 165 -14.37 37.53 -21.88
CA GLN C 165 -14.17 36.32 -22.68
C GLN C 165 -12.72 36.21 -23.17
N LEU C 166 -12.07 35.10 -22.80
CA LEU C 166 -10.71 34.79 -23.23
C LEU C 166 -10.76 33.49 -24.03
N ASP C 167 -10.29 33.52 -25.28
CA ASP C 167 -10.44 32.41 -26.22
C ASP C 167 -11.93 32.02 -26.30
N ASP C 168 -12.29 30.75 -26.08
CA ASP C 168 -13.70 30.33 -26.14
C ASP C 168 -14.37 30.18 -24.75
N VAL C 169 -13.74 30.74 -23.72
CA VAL C 169 -14.21 30.61 -22.32
C VAL C 169 -14.82 31.92 -21.87
N THR C 170 -16.04 31.87 -21.34
CA THR C 170 -16.73 33.05 -20.82
C THR C 170 -16.67 32.99 -19.28
N TYR C 171 -15.83 33.84 -18.70
CA TYR C 171 -15.66 33.89 -17.24
C TYR C 171 -16.76 34.71 -16.59
N HIS C 172 -17.54 34.06 -15.72
CA HIS C 172 -18.54 34.73 -14.89
C HIS C 172 -18.06 34.76 -13.45
N GLY C 173 -18.42 35.80 -12.70
CA GLY C 173 -18.11 35.89 -11.28
C GLY C 173 -19.00 34.99 -10.43
N PHE C 174 -18.73 34.93 -9.13
CA PHE C 174 -19.56 34.16 -8.21
C PHE C 174 -20.74 35.02 -7.78
N PRO C 175 -21.97 34.46 -7.80
CA PRO C 175 -23.15 35.27 -7.46
C PRO C 175 -23.17 35.78 -6.03
N ASN C 176 -23.79 36.94 -5.83
CA ASN C 176 -24.10 37.45 -4.49
C ASN C 176 -25.27 36.68 -3.88
N LEU C 177 -25.52 36.90 -2.59
CA LEU C 177 -26.56 36.18 -1.85
C LEU C 177 -27.95 36.46 -2.42
N HIS C 178 -28.22 37.74 -2.70
CA HIS C 178 -29.51 38.19 -3.25
C HIS C 178 -29.93 37.48 -4.55
N ALA C 179 -28.95 37.19 -5.41
CA ALA C 179 -29.17 36.44 -6.64
C ALA C 179 -29.59 34.98 -6.37
N LEU C 180 -28.95 34.36 -5.39
CA LEU C 180 -29.25 32.97 -5.02
C LEU C 180 -30.46 32.80 -4.10
N ALA C 181 -30.80 33.85 -3.34
CA ALA C 181 -31.91 33.81 -2.39
C ALA C 181 -33.29 34.09 -3.00
N GLY C 182 -33.34 34.56 -4.24
CA GLY C 182 -34.58 35.03 -4.87
C GLY C 182 -35.67 33.99 -5.09
N PRO C 183 -36.86 34.44 -5.53
CA PRO C 183 -38.05 33.57 -5.68
C PRO C 183 -37.92 32.49 -6.76
N GLU C 184 -37.27 32.80 -7.88
CA GLU C 184 -37.06 31.86 -8.98
C GLU C 184 -35.64 31.26 -8.95
N ALA C 185 -35.07 31.12 -7.76
CA ALA C 185 -33.71 30.59 -7.60
C ALA C 185 -33.71 29.07 -7.65
N GLU C 186 -34.54 28.46 -6.80
CA GLU C 186 -34.66 27.00 -6.70
C GLU C 186 -35.23 26.39 -7.97
N THR C 187 -36.16 27.12 -8.61
CA THR C 187 -36.71 26.74 -9.92
C THR C 187 -35.60 26.60 -10.96
N HIS C 188 -34.77 27.64 -11.07
CA HIS C 188 -33.68 27.70 -12.05
C HIS C 188 -32.52 26.76 -11.70
N LEU C 189 -32.14 26.75 -10.43
CA LEU C 189 -31.02 25.91 -9.94
C LEU C 189 -31.20 24.42 -10.18
N ARG C 190 -32.41 23.92 -9.94
CA ARG C 190 -32.70 22.49 -10.07
C ARG C 190 -32.66 22.02 -11.54
N LYS C 191 -32.89 22.94 -12.48
CA LYS C 191 -32.76 22.67 -13.92
C LYS C 191 -31.31 22.32 -14.31
N LEU C 192 -30.34 22.90 -13.59
CA LEU C 192 -28.91 22.72 -13.87
C LEU C 192 -28.27 21.45 -13.25
N GLY C 193 -29.10 20.48 -12.83
CA GLY C 193 -28.60 19.19 -12.36
C GLY C 193 -27.95 19.19 -10.99
N LEU C 194 -28.37 20.11 -10.12
CA LEU C 194 -27.93 20.12 -8.72
C LEU C 194 -28.76 19.16 -7.87
N GLY C 195 -30.02 18.94 -8.25
CA GLY C 195 -30.87 17.95 -7.61
C GLY C 195 -31.35 18.42 -6.26
N TYR C 196 -31.13 17.59 -5.23
CA TYR C 196 -31.52 17.92 -3.85
C TYR C 196 -30.75 19.10 -3.24
N ARG C 197 -29.56 19.38 -3.79
CA ARG C 197 -28.70 20.44 -3.27
C ARG C 197 -29.14 21.86 -3.65
N ALA C 198 -29.96 21.99 -4.70
CA ALA C 198 -30.52 23.28 -5.13
C ALA C 198 -31.36 23.96 -4.05
N ARG C 199 -32.09 23.16 -3.26
CA ARG C 199 -32.95 23.66 -2.18
C ARG C 199 -32.18 24.36 -1.07
N TYR C 200 -31.03 23.79 -0.70
CA TYR C 200 -30.17 24.34 0.35
C TYR C 200 -29.43 25.61 -0.08
N VAL C 201 -29.13 25.72 -1.38
CA VAL C 201 -28.46 26.91 -1.93
C VAL C 201 -29.35 28.15 -1.77
N ARG C 202 -30.65 27.99 -2.01
CA ARG C 202 -31.62 29.07 -1.77
C ARG C 202 -31.82 29.34 -0.29
N ALA C 203 -32.04 28.27 0.48
CA ALA C 203 -32.40 28.39 1.90
C ALA C 203 -31.28 28.99 2.75
N SER C 204 -30.06 28.53 2.54
CA SER C 204 -28.88 29.05 3.27
C SER C 204 -28.52 30.47 2.86
N ALA C 205 -28.72 30.80 1.58
CA ALA C 205 -28.55 32.17 1.09
C ALA C 205 -29.55 33.12 1.76
N LYS C 206 -30.81 32.68 1.80
CA LYS C 206 -31.89 33.45 2.43
C LYS C 206 -31.66 33.64 3.93
N ALA C 207 -31.19 32.60 4.61
CA ALA C 207 -30.93 32.64 6.06
C ALA C 207 -29.80 33.58 6.47
N ILE C 208 -28.81 33.78 5.61
CA ILE C 208 -27.69 34.70 5.90
C ILE C 208 -28.17 36.14 5.71
N LEU C 209 -28.76 36.43 4.55
CA LEU C 209 -29.32 37.76 4.22
C LEU C 209 -30.33 38.25 5.26
N GLU C 210 -31.42 37.50 5.41
CA GLU C 210 -32.58 37.93 6.17
C GLU C 210 -32.36 37.84 7.67
N GLU C 211 -32.01 36.63 8.12
CA GLU C 211 -32.00 36.31 9.56
C GLU C 211 -30.76 36.87 10.28
N GLN C 212 -29.56 36.53 9.76
CA GLN C 212 -28.31 36.88 10.45
C GLN C 212 -27.90 38.33 10.17
N GLY C 213 -27.90 38.73 8.89
CA GLY C 213 -27.69 40.12 8.48
C GLY C 213 -26.59 40.35 7.46
N GLY C 214 -26.73 39.72 6.29
CA GLY C 214 -25.83 39.93 5.15
C GLY C 214 -24.53 39.15 5.15
N PRO C 215 -23.67 39.34 4.13
CA PRO C 215 -22.33 38.71 4.05
C PRO C 215 -21.37 39.05 5.20
N ALA C 216 -21.60 40.16 5.91
CA ALA C 216 -20.80 40.54 7.07
C ALA C 216 -20.87 39.55 8.25
N TRP C 217 -21.90 38.70 8.27
CA TRP C 217 -21.98 37.60 9.24
C TRP C 217 -20.88 36.57 9.00
N LEU C 218 -20.67 36.19 7.74
CA LEU C 218 -19.60 35.26 7.37
C LEU C 218 -18.22 35.81 7.73
N GLN C 219 -18.01 37.10 7.47
CA GLN C 219 -16.77 37.79 7.87
C GLN C 219 -16.57 37.83 9.40
N GLN C 220 -17.66 37.95 10.14
CA GLN C 220 -17.64 37.90 11.62
C GLN C 220 -17.16 36.55 12.16
N LEU C 221 -17.53 35.46 11.46
CA LEU C 221 -17.10 34.10 11.84
C LEU C 221 -15.61 33.83 11.60
N ARG C 222 -14.95 34.67 10.81
CA ARG C 222 -13.51 34.59 10.58
C ARG C 222 -12.69 34.89 11.85
N VAL C 223 -13.14 35.85 12.64
CA VAL C 223 -12.49 36.20 13.92
C VAL C 223 -13.07 35.44 15.12
N ALA C 224 -14.30 34.94 15.01
CA ALA C 224 -14.90 34.11 16.06
C ALA C 224 -14.10 32.81 16.22
N PRO C 225 -13.97 32.29 17.47
CA PRO C 225 -13.15 31.09 17.66
C PRO C 225 -13.71 29.85 16.96
N TYR C 226 -12.82 28.95 16.55
CA TYR C 226 -13.13 27.79 15.70
C TYR C 226 -14.44 27.08 16.07
N GLU C 227 -14.61 26.73 17.34
CA GLU C 227 -15.81 26.02 17.81
C GLU C 227 -17.11 26.81 17.60
N GLU C 228 -17.06 28.13 17.79
CA GLU C 228 -18.22 28.99 17.60
C GLU C 228 -18.61 29.07 16.12
N ALA C 229 -17.61 29.20 15.25
CA ALA C 229 -17.82 29.28 13.81
C ALA C 229 -18.45 27.99 13.24
N HIS C 230 -17.97 26.85 13.72
CA HIS C 230 -18.47 25.55 13.26
C HIS C 230 -19.90 25.28 13.73
N LYS C 231 -20.20 25.66 14.98
CA LYS C 231 -21.56 25.62 15.52
C LYS C 231 -22.49 26.48 14.68
N ALA C 232 -22.06 27.72 14.44
CA ALA C 232 -22.85 28.71 13.70
C ALA C 232 -23.21 28.28 12.26
N LEU C 233 -22.26 27.67 11.56
CA LEU C 233 -22.46 27.19 10.19
C LEU C 233 -23.41 25.98 10.12
N CYS C 234 -23.39 25.15 11.15
CA CYS C 234 -24.31 23.99 11.24
C CYS C 234 -25.78 24.37 11.50
N THR C 235 -26.03 25.63 11.85
CA THR C 235 -27.39 26.18 11.83
C THR C 235 -28.01 26.16 10.43
N LEU C 236 -27.19 26.37 9.40
CA LEU C 236 -27.68 26.55 8.03
C LEU C 236 -28.18 25.23 7.41
N PRO C 237 -29.19 25.30 6.52
CA PRO C 237 -29.65 24.11 5.78
C PRO C 237 -28.61 23.57 4.81
N GLY C 238 -28.44 22.25 4.78
CA GLY C 238 -27.47 21.59 3.90
C GLY C 238 -26.05 21.48 4.42
N VAL C 239 -25.71 22.21 5.48
CA VAL C 239 -24.37 22.25 6.05
C VAL C 239 -24.27 21.20 7.15
N GLY C 240 -23.49 20.14 6.90
CA GLY C 240 -23.21 19.11 7.89
C GLY C 240 -21.99 19.44 8.73
N ALA C 241 -21.35 18.42 9.27
CA ALA C 241 -20.12 18.58 10.06
C ALA C 241 -18.89 18.72 9.15
N LYS C 242 -18.88 17.94 8.06
CA LYS C 242 -17.76 17.96 7.10
C LYS C 242 -17.70 19.27 6.32
N VAL C 243 -18.84 19.67 5.74
CA VAL C 243 -18.93 20.90 4.95
C VAL C 243 -18.54 22.11 5.79
N ALA C 244 -19.03 22.18 7.03
CA ALA C 244 -18.69 23.28 7.94
C ALA C 244 -17.19 23.36 8.24
N ASP C 245 -16.54 22.22 8.39
CA ASP C 245 -15.09 22.16 8.61
C ASP C 245 -14.30 22.59 7.36
N CYS C 246 -14.80 22.26 6.17
CA CYS C 246 -14.18 22.70 4.92
C CYS C 246 -14.16 24.22 4.85
N ILE C 247 -15.30 24.83 5.17
CA ILE C 247 -15.44 26.29 5.14
C ILE C 247 -14.58 26.94 6.22
N CYS C 248 -14.63 26.39 7.44
CA CYS C 248 -13.77 26.84 8.55
C CYS C 248 -12.30 26.83 8.17
N LEU C 249 -11.88 25.72 7.57
CA LEU C 249 -10.49 25.52 7.17
C LEU C 249 -10.09 26.41 5.99
N MET C 250 -10.89 26.39 4.93
CA MET C 250 -10.54 27.02 3.66
C MET C 250 -10.93 28.51 3.54
N ALA C 251 -11.92 28.95 4.33
CA ALA C 251 -12.45 30.32 4.23
C ALA C 251 -12.36 31.17 5.49
N LEU C 252 -12.41 30.57 6.68
CA LEU C 252 -12.54 31.34 7.94
C LEU C 252 -11.32 31.26 8.86
N ASP C 253 -10.15 30.95 8.29
CA ASP C 253 -8.87 30.94 9.03
C ASP C 253 -8.89 30.09 10.31
N LYS C 254 -9.34 28.85 10.19
CA LYS C 254 -9.18 27.86 11.24
C LYS C 254 -8.31 26.74 10.65
N PRO C 255 -6.96 26.91 10.66
CA PRO C 255 -6.09 25.84 10.17
C PRO C 255 -6.16 24.52 10.95
N GLN C 256 -6.60 24.57 12.21
CA GLN C 256 -6.82 23.35 13.01
C GLN C 256 -7.96 22.43 12.54
N ALA C 257 -8.95 22.98 11.83
CA ALA C 257 -10.13 22.20 11.40
C ALA C 257 -9.76 21.06 10.44
N VAL C 258 -10.30 19.86 10.72
CA VAL C 258 -10.04 18.65 9.93
C VAL C 258 -11.38 18.14 9.41
N PRO C 259 -11.73 18.46 8.14
CA PRO C 259 -12.95 17.92 7.51
C PRO C 259 -12.93 16.40 7.39
N VAL C 260 -13.85 15.75 8.10
CA VAL C 260 -13.87 14.28 8.16
C VAL C 260 -15.02 13.68 7.34
N ASP C 261 -14.67 12.84 6.37
CA ASP C 261 -15.62 11.97 5.65
C ASP C 261 -14.91 10.65 5.26
N VAL C 262 -15.45 9.91 4.30
CA VAL C 262 -14.92 8.58 3.94
C VAL C 262 -13.45 8.60 3.46
N HIS C 263 -13.00 9.72 2.88
CA HIS C 263 -11.65 9.83 2.32
C HIS C 263 -10.55 9.83 3.38
N VAL C 264 -10.74 10.63 4.43
CA VAL C 264 -9.80 10.66 5.55
C VAL C 264 -9.94 9.41 6.44
N TRP C 265 -11.16 8.87 6.54
CA TRP C 265 -11.39 7.57 7.20
C TRP C 265 -10.51 6.47 6.64
N GLN C 266 -10.41 6.41 5.32
CA GLN C 266 -9.58 5.42 4.63
C GLN C 266 -8.09 5.62 4.93
N ILE C 267 -7.62 6.86 4.85
CA ILE C 267 -6.22 7.22 5.16
C ILE C 267 -5.88 6.92 6.62
N ALA C 268 -6.74 7.40 7.53
CA ALA C 268 -6.56 7.18 8.97
C ALA C 268 -6.50 5.71 9.35
N HIS C 269 -7.31 4.88 8.69
CA HIS C 269 -7.32 3.46 8.97
C HIS C 269 -6.14 2.72 8.33
N ARG C 270 -5.95 2.87 7.01
CA ARG C 270 -4.88 2.14 6.29
C ARG C 270 -3.47 2.60 6.70
N ASP C 271 -3.25 3.91 6.73
CA ASP C 271 -1.90 4.47 6.91
C ASP C 271 -1.53 4.73 8.38
N TYR C 272 -2.52 5.04 9.22
CA TYR C 272 -2.31 5.35 10.63
C TYR C 272 -2.80 4.26 11.61
N GLY C 273 -3.45 3.20 11.10
CA GLY C 273 -3.97 2.13 11.93
C GLY C 273 -5.06 2.53 12.91
N TRP C 274 -5.79 3.60 12.60
CA TRP C 274 -6.75 4.18 13.53
C TRP C 274 -8.14 3.54 13.44
N HIS C 275 -8.71 3.26 14.61
CA HIS C 275 -10.13 2.90 14.78
C HIS C 275 -10.69 3.77 15.90
N PRO C 276 -12.02 3.96 15.94
CA PRO C 276 -12.59 4.79 17.01
C PRO C 276 -12.47 4.12 18.39
N LYS C 277 -11.67 4.72 19.28
CA LYS C 277 -11.45 4.17 20.63
C LYS C 277 -12.71 4.22 21.50
N THR C 278 -13.57 5.22 21.28
CA THR C 278 -14.95 5.20 21.80
C THR C 278 -15.76 4.28 20.89
N SER C 279 -15.52 2.98 21.03
CA SER C 279 -15.98 1.98 20.07
C SER C 279 -17.43 1.61 20.29
N GLN C 280 -18.31 2.48 19.80
CA GLN C 280 -19.73 2.17 19.69
C GLN C 280 -19.89 1.23 18.50
N ALA C 281 -19.28 1.62 17.38
CA ALA C 281 -19.06 0.75 16.22
C ALA C 281 -17.64 1.00 15.68
N LYS C 282 -17.33 0.47 14.49
CA LYS C 282 -16.14 0.86 13.74
C LYS C 282 -16.55 1.41 12.36
N GLY C 283 -17.61 2.23 12.34
CA GLY C 283 -18.14 2.84 11.11
C GLY C 283 -18.28 4.34 11.27
N PRO C 284 -18.30 5.10 10.15
CA PRO C 284 -18.43 6.56 10.25
C PRO C 284 -19.76 7.07 10.86
N SER C 285 -19.69 7.47 12.12
CA SER C 285 -20.81 8.10 12.83
C SER C 285 -20.43 9.55 13.14
N PRO C 286 -21.42 10.38 13.54
CA PRO C 286 -21.10 11.73 13.98
C PRO C 286 -20.03 11.82 15.09
N LEU C 287 -20.11 10.93 16.10
CA LEU C 287 -19.19 10.96 17.25
C LEU C 287 -17.79 10.42 16.92
N ALA C 288 -17.72 9.35 16.14
CA ALA C 288 -16.43 8.84 15.65
C ALA C 288 -15.74 9.85 14.72
N ASN C 289 -16.53 10.52 13.88
CA ASN C 289 -16.03 11.57 12.96
C ASN C 289 -15.39 12.75 13.71
N LYS C 290 -15.99 13.12 14.85
CA LYS C 290 -15.41 14.13 15.74
C LYS C 290 -14.12 13.60 16.40
N GLU C 291 -14.12 12.33 16.79
CA GLU C 291 -12.95 11.70 17.40
C GLU C 291 -11.76 11.64 16.43
N LEU C 292 -12.05 11.38 15.15
CA LEU C 292 -11.01 11.35 14.12
C LEU C 292 -10.39 12.73 13.91
N GLY C 293 -11.23 13.76 13.88
CA GLY C 293 -10.77 15.14 13.82
C GLY C 293 -9.84 15.51 14.97
N ASN C 294 -10.20 15.09 16.18
CA ASN C 294 -9.37 15.33 17.37
C ASN C 294 -8.06 14.54 17.36
N PHE C 295 -8.09 13.34 16.78
CA PHE C 295 -6.87 12.53 16.61
C PHE C 295 -5.84 13.26 15.77
N PHE C 296 -6.27 13.84 14.65
CA PHE C 296 -5.34 14.53 13.73
C PHE C 296 -4.88 15.90 14.26
N ARG C 297 -5.74 16.62 14.97
CA ARG C 297 -5.32 17.83 15.70
C ARG C 297 -4.31 17.50 16.79
N ASN C 298 -4.51 16.39 17.47
CA ASN C 298 -3.59 15.93 18.51
C ASN C 298 -2.22 15.52 17.94
N LEU C 299 -2.21 14.95 16.73
CA LEU C 299 -0.98 14.49 16.09
C LEU C 299 -0.18 15.62 15.42
N TRP C 300 -0.86 16.41 14.61
CA TRP C 300 -0.23 17.44 13.77
C TRP C 300 -0.12 18.82 14.41
N GLY C 301 -1.07 19.13 15.30
CA GLY C 301 -1.04 20.37 16.08
C GLY C 301 -1.97 21.43 15.55
N PRO C 302 -1.60 22.73 15.69
CA PRO C 302 -2.54 23.80 15.35
C PRO C 302 -2.89 23.93 13.85
N TYR C 303 -2.03 23.43 12.96
CA TYR C 303 -2.27 23.48 11.50
C TYR C 303 -2.61 22.08 10.94
N ALA C 304 -3.44 21.32 11.66
CA ALA C 304 -3.79 19.94 11.29
C ALA C 304 -4.47 19.82 9.92
N GLY C 305 -5.40 20.75 9.63
CA GLY C 305 -6.08 20.81 8.33
C GLY C 305 -5.14 20.97 7.14
N TRP C 306 -4.07 21.75 7.31
CA TRP C 306 -3.09 21.94 6.25
C TRP C 306 -2.30 20.66 5.94
N ALA C 307 -2.06 19.84 6.95
CA ALA C 307 -1.45 18.52 6.75
C ALA C 307 -2.41 17.55 6.04
N GLN C 308 -3.70 17.64 6.35
CA GLN C 308 -4.71 16.84 5.64
C GLN C 308 -4.66 17.10 4.13
N ALA C 309 -4.55 18.36 3.75
CA ALA C 309 -4.49 18.76 2.35
C ALA C 309 -3.30 18.17 1.59
N VAL C 310 -2.19 17.96 2.29
CA VAL C 310 -0.98 17.36 1.72
C VAL C 310 -1.23 15.90 1.40
N LEU C 311 -1.82 15.19 2.36
CA LEU C 311 -2.14 13.77 2.19
C LEU C 311 -3.24 13.54 1.16
N PHE C 312 -4.25 14.41 1.17
CA PHE C 312 -5.30 14.41 0.14
C PHE C 312 -4.72 14.60 -1.26
N SER C 313 -3.86 15.61 -1.40
CA SER C 313 -3.19 15.88 -2.68
C SER C 313 -2.28 14.72 -3.13
N ALA C 314 -1.69 14.03 -2.17
CA ALA C 314 -0.93 12.80 -2.47
C ALA C 314 -1.84 11.63 -2.88
N ASP C 315 -2.99 11.49 -2.19
CA ASP C 315 -3.92 10.37 -2.40
C ASP C 315 -4.65 10.44 -3.75
N LEU C 316 -4.83 11.65 -4.28
CA LEU C 316 -5.39 11.86 -5.63
C LEU C 316 -4.45 11.45 -6.78
N ARG C 317 -3.15 11.28 -6.51
CA ARG C 317 -2.15 10.90 -7.51
C ARG C 317 -1.35 9.68 -7.06
#